data_5KP2
#
_entry.id   5KP2
#
_cell.length_a   84.670
_cell.length_b   61.242
_cell.length_c   71.524
_cell.angle_alpha   90.00
_cell.angle_beta   94.67
_cell.angle_gamma   90.00
#
_symmetry.space_group_name_H-M   'P 1 21 1'
#
loop_
_entity.id
_entity.type
_entity.pdbx_description
1 polymer '3-oxoacyl-[acyl-carrier-protein] synthase 3 protein 2'
2 non-polymer 'COENZYME A'
3 non-polymer 'OCTANOIC ACID (CAPRYLIC ACID)'
4 water water
#
_entity_poly.entity_id   1
_entity_poly.type   'polypeptide(L)'
_entity_poly.pdbx_seq_one_letter_code
;MTQCYAEITGWGKCLPPATLSNHDLSTFLDTSDEWIQSRTGIEQRRISHVNTSDLATVAAQHAIACAGVSVEEIDLIIVA
TCSPDSLIPNIASRVQQNLGIPSAAAFDLNAAATGFLYGLETATRLMQASHYRHALVIGAERLSFYLDWTKRDTAVLFGD
GAGAVVLSKTEQKVGLQDAQIGCDAQGRDILAVPKFGTAMDRFDADNGYWAFDFVGKEIFKRAVRGMGAAAQQVLARSGL
STEEIDVVIPHQANIRIIQTLCDLAGIAQDKAFVNIHRYGNTSAATVPIALCEALEQGKIKPHDDLLVAAFGAGLTWGAG
HIRWGERITPLGKSDAQLPSCDHTALDLLSKAIEHCKRHQSE
;
_entity_poly.pdbx_strand_id   A,B
#
loop_
_chem_comp.id
_chem_comp.type
_chem_comp.name
_chem_comp.formula
COA non-polymer 'COENZYME A' 'C21 H36 N7 O16 P3 S'
OCA non-polymer 'OCTANOIC ACID (CAPRYLIC ACID)' 'C8 H16 O2'
#
# COMPACT_ATOMS: atom_id res chain seq x y z
N GLN A 3 -7.62 -20.28 -18.57
CA GLN A 3 -7.11 -18.90 -18.73
C GLN A 3 -8.27 -17.87 -18.69
N CYS A 4 -8.26 -17.00 -17.70
CA CYS A 4 -9.23 -15.87 -17.66
C CYS A 4 -8.56 -14.54 -17.71
N TYR A 5 -9.42 -13.52 -17.74
CA TYR A 5 -9.01 -12.15 -17.91
C TYR A 5 -9.90 -11.28 -17.05
N ALA A 6 -9.45 -10.05 -16.82
CA ALA A 6 -10.19 -9.11 -16.00
C ALA A 6 -10.66 -7.92 -16.85
N GLU A 7 -11.90 -7.99 -17.32
CA GLU A 7 -12.44 -6.94 -18.18
C GLU A 7 -12.73 -5.65 -17.40
N ILE A 8 -12.38 -4.51 -17.98
CA ILE A 8 -12.77 -3.24 -17.38
C ILE A 8 -14.24 -2.99 -17.76
N THR A 9 -15.14 -3.21 -16.81
CA THR A 9 -16.58 -3.13 -17.05
C THR A 9 -17.22 -1.86 -16.49
N GLY A 10 -16.48 -1.12 -15.65
CA GLY A 10 -16.97 0.12 -15.08
C GLY A 10 -15.86 1.12 -14.95
N TRP A 11 -16.20 2.39 -15.12
CA TRP A 11 -15.24 3.48 -15.01
C TRP A 11 -15.98 4.65 -14.38
N GLY A 12 -15.28 5.47 -13.61
CA GLY A 12 -15.89 6.60 -12.91
C GLY A 12 -14.84 7.55 -12.39
N LYS A 13 -15.25 8.78 -12.11
CA LYS A 13 -14.34 9.83 -11.65
C LYS A 13 -15.01 10.70 -10.61
N CYS A 14 -14.19 11.38 -9.81
CA CYS A 14 -14.67 12.39 -8.88
C CYS A 14 -13.65 13.51 -8.79
N LEU A 15 -14.02 14.67 -9.34
CA LEU A 15 -13.21 15.87 -9.23
C LEU A 15 -13.92 16.82 -8.26
N PRO A 16 -13.21 17.29 -7.21
CA PRO A 16 -13.86 18.25 -6.32
C PRO A 16 -14.14 19.58 -7.04
N PRO A 17 -15.22 20.28 -6.64
CA PRO A 17 -15.66 21.46 -7.38
C PRO A 17 -14.73 22.68 -7.32
N ALA A 18 -14.09 22.92 -6.18
CA ALA A 18 -13.29 24.14 -6.02
C ALA A 18 -12.09 24.14 -6.97
N THR A 19 -11.99 25.19 -7.79
CA THR A 19 -11.00 25.28 -8.86
C THR A 19 -10.01 26.39 -8.52
N LEU A 20 -8.72 26.06 -8.56
CA LEU A 20 -7.64 27.04 -8.37
C LEU A 20 -7.01 27.34 -9.73
N SER A 21 -7.18 28.55 -10.21
CA SER A 21 -6.62 28.98 -11.50
C SER A 21 -5.15 29.41 -11.36
N ASN A 22 -4.47 29.56 -12.49
CA ASN A 22 -3.12 30.14 -12.51
C ASN A 22 -3.13 31.58 -12.00
N HIS A 23 -4.18 32.33 -12.31
CA HIS A 23 -4.36 33.68 -11.76
C HIS A 23 -4.45 33.65 -10.22
N ASP A 24 -5.23 32.73 -9.66
CA ASP A 24 -5.31 32.57 -8.19
C ASP A 24 -3.92 32.39 -7.58
N LEU A 25 -3.11 31.52 -8.20
CA LEU A 25 -1.74 31.26 -7.74
C LEU A 25 -0.83 32.49 -7.81
N SER A 26 -1.01 33.30 -8.85
CA SER A 26 -0.26 34.55 -9.02
C SER A 26 -0.54 35.61 -7.94
N THR A 27 -1.66 35.51 -7.23
CA THR A 27 -1.99 36.47 -6.17
C THR A 27 -1.13 36.26 -4.90
N PHE A 28 -0.59 35.06 -4.70
CA PHE A 28 0.28 34.80 -3.54
C PHE A 28 1.68 34.21 -3.83
N LEU A 29 1.95 33.84 -5.07
CA LEU A 29 3.30 33.42 -5.49
C LEU A 29 3.77 34.24 -6.69
N ASP A 30 5.08 34.35 -6.87
CA ASP A 30 5.66 35.08 -8.00
C ASP A 30 5.65 34.17 -9.23
N THR A 31 4.48 34.05 -9.85
CA THR A 31 4.27 33.20 -11.02
C THR A 31 3.27 33.86 -11.95
N SER A 32 3.13 33.31 -13.15
CA SER A 32 2.19 33.82 -14.15
C SER A 32 1.46 32.67 -14.82
N ASP A 33 0.24 32.93 -15.29
CA ASP A 33 -0.46 32.00 -16.16
C ASP A 33 0.37 31.69 -17.43
N GLU A 34 1.03 32.72 -17.98
CA GLU A 34 1.94 32.58 -19.13
C GLU A 34 3.02 31.51 -18.92
N TRP A 35 3.77 31.60 -17.83
CA TRP A 35 4.84 30.63 -17.55
C TRP A 35 4.31 29.23 -17.31
N ILE A 36 3.28 29.14 -16.47
CA ILE A 36 2.72 27.84 -16.06
C ILE A 36 2.13 27.09 -17.27
N GLN A 37 1.27 27.77 -18.03
CA GLN A 37 0.63 27.16 -19.20
C GLN A 37 1.66 26.75 -20.25
N SER A 38 2.66 27.59 -20.49
CA SER A 38 3.72 27.28 -21.49
C SER A 38 4.64 26.14 -21.04
N ARG A 39 5.08 26.18 -19.78
CA ARG A 39 6.03 25.18 -19.27
C ARG A 39 5.39 23.85 -18.89
N THR A 40 4.21 23.91 -18.25
CA THR A 40 3.53 22.71 -17.74
C THR A 40 2.32 22.28 -18.56
N GLY A 41 1.61 23.24 -19.15
CA GLY A 41 0.32 22.98 -19.81
C GLY A 41 -0.88 23.00 -18.88
N ILE A 42 -0.65 23.32 -17.60
CA ILE A 42 -1.71 23.36 -16.59
C ILE A 42 -2.34 24.76 -16.59
N GLU A 43 -3.67 24.81 -16.69
CA GLU A 43 -4.45 26.03 -16.54
C GLU A 43 -5.13 26.08 -15.17
N GLN A 44 -5.75 24.96 -14.79
CA GLN A 44 -6.53 24.83 -13.56
C GLN A 44 -6.20 23.53 -12.84
N ARG A 45 -6.59 23.47 -11.58
CA ARG A 45 -6.55 22.24 -10.79
C ARG A 45 -7.59 22.33 -9.70
N ARG A 46 -8.01 21.19 -9.18
CA ARG A 46 -9.07 21.15 -8.17
C ARG A 46 -8.46 20.98 -6.79
N ILE A 47 -9.07 21.66 -5.83
CA ILE A 47 -8.70 21.58 -4.42
C ILE A 47 -9.85 20.96 -3.65
N SER A 48 -9.61 19.84 -2.97
CA SER A 48 -10.67 19.14 -2.24
C SER A 48 -11.03 19.84 -0.93
N HIS A 49 -12.33 19.84 -0.63
CA HIS A 49 -12.88 20.27 0.65
C HIS A 49 -13.20 19.05 1.53
N VAL A 50 -12.93 17.85 1.02
CA VAL A 50 -13.18 16.61 1.73
C VAL A 50 -11.93 15.73 1.71
N ASN A 51 -11.91 14.71 2.56
CA ASN A 51 -10.78 13.77 2.61
C ASN A 51 -10.68 12.87 1.38
N THR A 52 -9.48 12.32 1.16
CA THR A 52 -9.19 11.40 0.05
C THR A 52 -10.23 10.28 -0.10
N SER A 53 -10.61 9.65 1.03
CA SER A 53 -11.54 8.53 1.02
C SER A 53 -12.93 8.91 0.49
N ASP A 54 -13.32 10.17 0.69
CA ASP A 54 -14.58 10.71 0.16
C ASP A 54 -14.53 10.86 -1.37
N LEU A 55 -13.41 11.36 -1.88
CA LEU A 55 -13.16 11.37 -3.34
C LEU A 55 -13.19 9.95 -3.94
N ALA A 56 -12.47 9.04 -3.29
CA ALA A 56 -12.44 7.63 -3.70
C ALA A 56 -13.84 7.00 -3.73
N THR A 57 -14.65 7.32 -2.74
CA THR A 57 -15.98 6.74 -2.59
C THR A 57 -16.89 7.13 -3.76
N VAL A 58 -16.93 8.42 -4.07
CA VAL A 58 -17.76 8.93 -5.17
C VAL A 58 -17.29 8.31 -6.49
N ALA A 59 -15.99 8.31 -6.78
CA ALA A 59 -15.48 7.68 -8.00
C ALA A 59 -15.90 6.20 -8.12
N ALA A 60 -15.78 5.47 -7.02
CA ALA A 60 -16.23 4.06 -6.97
C ALA A 60 -17.75 3.90 -7.23
N GLN A 61 -18.57 4.76 -6.64
CA GLN A 61 -20.01 4.71 -6.88
C GLN A 61 -20.36 4.88 -8.37
N HIS A 62 -19.68 5.80 -9.03
CA HIS A 62 -19.87 6.02 -10.47
C HIS A 62 -19.43 4.78 -11.28
N ALA A 63 -18.28 4.20 -10.93
CA ALA A 63 -17.79 3.00 -11.63
C ALA A 63 -18.71 1.77 -11.42
N ILE A 64 -19.24 1.63 -10.22
CA ILE A 64 -20.14 0.52 -9.88
C ILE A 64 -21.43 0.60 -10.71
N ALA A 65 -22.02 1.80 -10.77
CA ALA A 65 -23.20 2.06 -11.60
C ALA A 65 -22.88 1.80 -13.06
N CYS A 66 -21.74 2.29 -13.52
CA CYS A 66 -21.29 2.08 -14.89
C CYS A 66 -21.19 0.58 -15.26
N ALA A 67 -20.71 -0.22 -14.32
CA ALA A 67 -20.57 -1.67 -14.50
C ALA A 67 -21.87 -2.45 -14.24
N GLY A 68 -22.84 -1.83 -13.60
CA GLY A 68 -24.09 -2.51 -13.22
C GLY A 68 -23.85 -3.65 -12.26
N VAL A 69 -22.81 -3.57 -11.44
CA VAL A 69 -22.51 -4.65 -10.50
C VAL A 69 -23.10 -4.34 -9.13
N SER A 70 -23.42 -5.39 -8.38
CA SER A 70 -23.88 -5.26 -7.01
C SER A 70 -22.69 -5.11 -6.07
N VAL A 71 -22.83 -4.29 -5.03
CA VAL A 71 -21.79 -4.19 -3.98
C VAL A 71 -21.51 -5.53 -3.29
N GLU A 72 -22.49 -6.42 -3.24
CA GLU A 72 -22.29 -7.80 -2.75
C GLU A 72 -21.39 -8.66 -3.64
N GLU A 73 -21.20 -8.30 -4.91
CA GLU A 73 -20.33 -9.04 -5.82
C GLU A 73 -18.83 -8.62 -5.77
N ILE A 74 -18.50 -7.50 -5.13
CA ILE A 74 -17.12 -7.00 -5.13
C ILE A 74 -16.29 -7.78 -4.12
N ASP A 75 -15.24 -8.44 -4.62
CA ASP A 75 -14.36 -9.31 -3.83
C ASP A 75 -13.03 -8.67 -3.42
N LEU A 76 -12.69 -7.54 -4.04
CA LEU A 76 -11.38 -6.95 -3.87
C LEU A 76 -11.47 -5.44 -4.09
N ILE A 77 -10.90 -4.69 -3.15
CA ILE A 77 -10.85 -3.24 -3.22
C ILE A 77 -9.40 -2.82 -3.06
N ILE A 78 -8.84 -2.15 -4.07
CA ILE A 78 -7.49 -1.58 -3.97
C ILE A 78 -7.61 -0.06 -4.16
N VAL A 79 -7.12 0.69 -3.17
CA VAL A 79 -6.99 2.14 -3.29
C VAL A 79 -5.51 2.49 -3.41
N ALA A 80 -5.12 3.00 -4.56
CA ALA A 80 -3.80 3.54 -4.81
C ALA A 80 -3.79 5.01 -4.41
N THR A 81 -2.94 5.36 -3.47
CA THR A 81 -2.87 6.71 -2.91
C THR A 81 -1.54 6.91 -2.20
N CYS A 82 -1.04 8.14 -2.20
CA CYS A 82 0.03 8.53 -1.29
C CYS A 82 -0.45 9.62 -0.32
N SER A 83 -1.76 9.83 -0.23
CA SER A 83 -2.33 10.85 0.65
C SER A 83 -3.54 10.32 1.42
N PRO A 84 -3.41 9.15 2.08
CA PRO A 84 -4.56 8.59 2.79
C PRO A 84 -4.95 9.40 4.03
N ASP A 85 -6.25 9.50 4.27
CA ASP A 85 -6.84 10.12 5.48
C ASP A 85 -6.09 9.67 6.74
N SER A 86 -5.90 8.36 6.81
CA SER A 86 -5.28 7.71 7.96
C SER A 86 -4.44 6.53 7.48
N LEU A 87 -3.49 6.14 8.32
CA LEU A 87 -2.69 4.94 8.13
C LEU A 87 -3.32 3.76 8.87
N ILE A 88 -3.90 4.00 10.04
CA ILE A 88 -4.54 2.96 10.85
C ILE A 88 -5.99 3.38 11.10
N PRO A 89 -6.95 2.69 10.47
CA PRO A 89 -6.82 1.67 9.45
C PRO A 89 -6.60 2.31 8.09
N ASN A 90 -6.52 1.47 7.07
CA ASN A 90 -6.35 1.90 5.70
C ASN A 90 -7.63 2.56 5.13
N ILE A 91 -7.53 3.33 4.05
CA ILE A 91 -8.73 3.98 3.49
C ILE A 91 -9.55 3.10 2.54
N ALA A 92 -8.97 2.00 2.05
CA ALA A 92 -9.75 1.00 1.31
C ALA A 92 -10.90 0.49 2.17
N SER A 93 -10.63 0.24 3.46
CA SER A 93 -11.67 -0.20 4.39
C SER A 93 -12.74 0.86 4.61
N ARG A 94 -12.38 2.15 4.49
CA ARG A 94 -13.33 3.26 4.62
C ARG A 94 -14.27 3.30 3.41
N VAL A 95 -13.70 3.10 2.21
CA VAL A 95 -14.50 3.00 0.99
C VAL A 95 -15.45 1.80 1.12
N GLN A 96 -14.91 0.68 1.60
CA GLN A 96 -15.72 -0.51 1.83
C GLN A 96 -16.89 -0.23 2.79
N GLN A 97 -16.58 0.42 3.91
CA GLN A 97 -17.58 0.80 4.90
C GLN A 97 -18.65 1.73 4.31
N ASN A 98 -18.21 2.75 3.59
CA ASN A 98 -19.11 3.71 2.91
C ASN A 98 -20.05 3.06 1.90
N LEU A 99 -19.52 2.14 1.11
CA LEU A 99 -20.29 1.46 0.06
C LEU A 99 -21.11 0.27 0.56
N GLY A 100 -20.88 -0.18 1.79
CA GLY A 100 -21.55 -1.38 2.32
C GLY A 100 -21.13 -2.67 1.62
N ILE A 101 -19.87 -2.76 1.20
CA ILE A 101 -19.38 -3.99 0.56
C ILE A 101 -19.03 -5.01 1.68
N PRO A 102 -19.67 -6.19 1.68
CA PRO A 102 -19.33 -7.15 2.73
C PRO A 102 -18.07 -7.90 2.34
N SER A 103 -17.27 -8.29 3.33
CA SER A 103 -16.18 -9.27 3.15
C SER A 103 -14.96 -8.95 2.31
N ALA A 104 -15.03 -8.03 1.34
CA ALA A 104 -13.96 -7.89 0.33
C ALA A 104 -12.58 -7.67 0.94
N ALA A 105 -11.56 -8.24 0.31
CA ALA A 105 -10.18 -7.87 0.60
C ALA A 105 -10.05 -6.39 0.29
N ALA A 106 -9.45 -5.64 1.22
CA ALA A 106 -9.36 -4.20 1.10
C ALA A 106 -7.97 -3.74 1.53
N PHE A 107 -7.21 -3.16 0.61
CA PHE A 107 -5.91 -2.60 0.96
C PHE A 107 -5.55 -1.35 0.18
N ASP A 108 -4.67 -0.56 0.80
CA ASP A 108 -4.12 0.63 0.16
C ASP A 108 -2.78 0.25 -0.43
N LEU A 109 -2.49 0.79 -1.60
CA LEU A 109 -1.25 0.53 -2.31
C LEU A 109 -0.59 1.87 -2.56
N ASN A 110 0.69 1.97 -2.20
CA ASN A 110 1.46 3.17 -2.45
C ASN A 110 2.62 2.91 -3.41
N ALA A 111 2.47 3.40 -4.64
CA ALA A 111 3.56 3.49 -5.62
C ALA A 111 3.53 4.83 -6.36
N ALA A 112 3.16 5.87 -5.60
CA ALA A 112 2.98 7.21 -6.13
C ALA A 112 2.04 7.21 -7.34
N ALA A 113 2.30 8.00 -8.37
CA ALA A 113 1.37 8.12 -9.50
C ALA A 113 1.24 6.85 -10.32
N THR A 114 2.25 5.98 -10.28
CA THR A 114 2.16 4.67 -10.92
C THR A 114 1.23 3.69 -10.17
N GLY A 115 0.77 4.07 -8.97
CA GLY A 115 -0.08 3.23 -8.14
C GLY A 115 -1.32 2.65 -8.78
N PHE A 116 -1.98 3.42 -9.66
CA PHE A 116 -3.15 2.87 -10.36
C PHE A 116 -2.77 1.73 -11.29
N LEU A 117 -1.70 1.90 -12.06
CA LEU A 117 -1.22 0.81 -12.91
C LEU A 117 -0.75 -0.40 -12.09
N TYR A 118 -0.03 -0.14 -11.00
CA TYR A 118 0.34 -1.22 -10.06
C TYR A 118 -0.94 -1.95 -9.57
N GLY A 119 -1.94 -1.17 -9.20
CA GLY A 119 -3.23 -1.70 -8.72
C GLY A 119 -3.96 -2.51 -9.76
N LEU A 120 -3.97 -2.01 -11.00
CA LEU A 120 -4.61 -2.70 -12.10
C LEU A 120 -3.90 -4.04 -12.43
N GLU A 121 -2.57 -4.00 -12.41
CA GLU A 121 -1.76 -5.23 -12.59
C GLU A 121 -2.05 -6.23 -11.47
N THR A 122 -2.02 -5.75 -10.24
CA THR A 122 -2.25 -6.60 -9.08
C THR A 122 -3.64 -7.23 -9.07
N ALA A 123 -4.67 -6.41 -9.26
CA ALA A 123 -6.04 -6.92 -9.29
C ALA A 123 -6.23 -7.92 -10.43
N THR A 124 -5.68 -7.60 -11.60
CA THR A 124 -5.79 -8.49 -12.73
C THR A 124 -5.19 -9.87 -12.46
N ARG A 125 -3.98 -9.90 -11.92
CA ARG A 125 -3.31 -11.16 -11.64
C ARG A 125 -3.96 -11.93 -10.50
N LEU A 126 -4.45 -11.22 -9.48
CA LEU A 126 -5.24 -11.85 -8.41
C LEU A 126 -6.45 -12.57 -8.96
N MET A 127 -7.17 -11.89 -9.85
CA MET A 127 -8.35 -12.47 -10.49
C MET A 127 -7.98 -13.65 -11.41
N GLN A 128 -6.87 -13.54 -12.13
CA GLN A 128 -6.44 -14.62 -13.02
C GLN A 128 -6.00 -15.87 -12.28
N ALA A 129 -5.34 -15.72 -11.14
CA ALA A 129 -4.71 -16.85 -10.43
C ALA A 129 -5.52 -17.36 -9.24
N SER A 130 -6.55 -16.64 -8.84
CA SER A 130 -7.31 -17.01 -7.67
C SER A 130 -8.81 -16.72 -7.82
N HIS A 131 -9.52 -16.74 -6.71
CA HIS A 131 -10.99 -16.65 -6.67
C HIS A 131 -11.45 -15.25 -6.29
N TYR A 132 -11.26 -14.31 -7.21
CA TYR A 132 -11.84 -12.99 -7.13
C TYR A 132 -12.61 -12.81 -8.44
N ARG A 133 -13.91 -12.55 -8.34
CA ARG A 133 -14.79 -12.44 -9.51
C ARG A 133 -14.91 -11.00 -10.01
N HIS A 134 -14.96 -10.07 -9.06
CA HIS A 134 -15.07 -8.63 -9.35
C HIS A 134 -14.15 -7.85 -8.41
N ALA A 135 -13.57 -6.79 -8.96
CA ALA A 135 -12.68 -5.94 -8.21
C ALA A 135 -12.95 -4.47 -8.49
N LEU A 136 -12.59 -3.66 -7.51
CA LEU A 136 -12.69 -2.21 -7.58
C LEU A 136 -11.27 -1.68 -7.39
N VAL A 137 -10.76 -0.94 -8.37
CA VAL A 137 -9.42 -0.38 -8.29
C VAL A 137 -9.57 1.13 -8.44
N ILE A 138 -9.02 1.85 -7.45
CA ILE A 138 -9.23 3.28 -7.32
C ILE A 138 -7.90 4.00 -7.15
N GLY A 139 -7.73 5.09 -7.89
CA GLY A 139 -6.63 6.01 -7.70
C GLY A 139 -7.22 7.29 -7.12
N ALA A 140 -6.74 7.71 -5.96
CA ALA A 140 -7.34 8.85 -5.22
C ALA A 140 -6.31 9.65 -4.47
N GLU A 141 -6.36 10.98 -4.56
CA GLU A 141 -5.36 11.82 -3.91
C GLU A 141 -5.91 13.16 -3.46
N ARG A 142 -5.42 13.58 -2.29
CA ARG A 142 -5.53 14.97 -1.86
C ARG A 142 -4.11 15.52 -1.67
N LEU A 143 -3.46 15.85 -2.78
CA LEU A 143 -2.07 16.33 -2.77
C LEU A 143 -1.92 17.74 -2.20
N SER A 144 -2.99 18.53 -2.28
CA SER A 144 -3.00 19.86 -1.66
C SER A 144 -2.58 19.85 -0.19
N PHE A 145 -2.87 18.76 0.53
CA PHE A 145 -2.38 18.54 1.90
C PHE A 145 -0.88 18.82 2.07
N TYR A 146 -0.08 18.39 1.09
CA TYR A 146 1.38 18.36 1.18
C TYR A 146 2.13 19.63 0.81
N LEU A 147 1.50 20.53 0.06
CA LEU A 147 2.24 21.54 -0.67
C LEU A 147 2.79 22.63 0.22
N ASP A 148 3.97 23.14 -0.15
CA ASP A 148 4.56 24.31 0.49
C ASP A 148 4.18 25.49 -0.38
N TRP A 149 3.28 26.32 0.14
CA TRP A 149 2.68 27.39 -0.64
C TRP A 149 3.57 28.63 -0.83
N THR A 150 4.80 28.61 -0.28
CA THR A 150 5.85 29.58 -0.59
C THR A 150 6.76 29.18 -1.77
N LYS A 151 6.70 27.92 -2.21
CA LYS A 151 7.54 27.42 -3.32
C LYS A 151 6.74 27.22 -4.61
N ARG A 152 6.97 28.11 -5.57
CA ARG A 152 6.26 28.08 -6.86
C ARG A 152 6.57 26.84 -7.72
N ASP A 153 7.78 26.27 -7.55
CA ASP A 153 8.22 25.09 -8.32
C ASP A 153 7.23 23.94 -8.22
N THR A 154 6.85 23.61 -7.00
CA THR A 154 5.94 22.51 -6.72
C THR A 154 4.48 22.94 -6.52
N ALA A 155 4.24 24.15 -6.03
CA ALA A 155 2.85 24.59 -5.69
C ALA A 155 1.87 24.66 -6.87
N VAL A 156 2.39 24.79 -8.09
CA VAL A 156 1.56 24.92 -9.29
C VAL A 156 1.26 23.62 -10.04
N LEU A 157 1.88 22.51 -9.63
CA LEU A 157 1.86 21.26 -10.40
C LEU A 157 0.75 20.30 -10.03
N PHE A 158 0.25 20.37 -8.80
CA PHE A 158 -0.55 19.28 -8.26
C PHE A 158 -2.00 19.65 -7.92
N GLY A 159 -2.87 18.66 -8.05
CA GLY A 159 -4.29 18.82 -7.77
C GLY A 159 -4.85 17.62 -7.04
N ASP A 160 -6.13 17.70 -6.71
CA ASP A 160 -6.82 16.63 -6.03
C ASP A 160 -7.84 15.99 -6.97
N GLY A 161 -8.16 14.73 -6.69
CA GLY A 161 -9.15 13.98 -7.48
C GLY A 161 -9.07 12.50 -7.30
N ALA A 162 -10.00 11.79 -7.93
CA ALA A 162 -10.08 10.34 -7.86
C ALA A 162 -10.71 9.75 -9.13
N GLY A 163 -10.21 8.59 -9.53
CA GLY A 163 -10.75 7.81 -10.62
C GLY A 163 -10.83 6.35 -10.22
N ALA A 164 -11.75 5.61 -10.83
CA ALA A 164 -11.98 4.23 -10.44
C ALA A 164 -12.37 3.37 -11.63
N VAL A 165 -12.02 2.09 -11.53
CA VAL A 165 -12.55 1.08 -12.45
C VAL A 165 -13.13 -0.09 -11.67
N VAL A 166 -14.03 -0.81 -12.33
CA VAL A 166 -14.53 -2.09 -11.87
C VAL A 166 -14.06 -3.11 -12.89
N LEU A 167 -13.53 -4.23 -12.38
CA LEU A 167 -13.06 -5.36 -13.18
C LEU A 167 -13.97 -6.54 -12.96
N SER A 168 -14.24 -7.28 -14.04
CA SER A 168 -15.12 -8.44 -14.06
C SER A 168 -14.39 -9.60 -14.73
N LYS A 169 -14.38 -10.75 -14.06
CA LYS A 169 -13.71 -11.94 -14.57
C LYS A 169 -14.42 -12.46 -15.81
N THR A 170 -13.67 -12.83 -16.83
CA THR A 170 -14.23 -13.33 -18.10
C THR A 170 -13.24 -14.27 -18.81
N GLU A 171 -13.77 -15.09 -19.72
CA GLU A 171 -12.95 -15.91 -20.60
C GLU A 171 -12.52 -15.15 -21.86
N GLN A 172 -13.15 -14.01 -22.14
CA GLN A 172 -12.78 -13.21 -23.32
C GLN A 172 -11.43 -12.54 -23.08
N LYS A 173 -10.62 -12.51 -24.14
CA LYS A 173 -9.27 -11.95 -24.09
C LYS A 173 -9.29 -10.42 -24.12
N VAL A 174 -9.59 -9.83 -22.97
CA VAL A 174 -9.83 -8.40 -22.85
C VAL A 174 -9.24 -7.88 -21.54
N GLY A 175 -9.24 -6.57 -21.36
CA GLY A 175 -8.63 -5.95 -20.20
C GLY A 175 -7.12 -5.93 -20.34
N LEU A 176 -6.44 -5.85 -19.19
CA LEU A 176 -4.98 -5.78 -19.18
C LEU A 176 -4.40 -7.10 -19.70
N GLN A 177 -3.59 -7.00 -20.74
CA GLN A 177 -2.85 -8.12 -21.32
C GLN A 177 -1.45 -8.08 -20.69
N ASP A 178 -0.37 -7.78 -21.41
CA ASP A 178 0.92 -7.65 -20.75
C ASP A 178 1.04 -6.29 -20.02
N ALA A 179 1.81 -6.31 -18.93
CA ALA A 179 2.19 -5.13 -18.21
C ALA A 179 3.62 -5.29 -17.74
N GLN A 180 4.33 -4.17 -17.67
CA GLN A 180 5.60 -4.14 -16.98
C GLN A 180 5.66 -2.95 -16.07
N ILE A 181 5.87 -3.25 -14.79
CA ILE A 181 5.95 -2.26 -13.75
C ILE A 181 7.31 -2.38 -13.05
N GLY A 182 7.81 -1.27 -12.54
CA GLY A 182 9.16 -1.24 -12.00
C GLY A 182 9.42 -0.01 -11.21
N CYS A 183 10.68 0.15 -10.85
CA CYS A 183 11.10 1.30 -10.09
C CYS A 183 12.59 1.55 -10.31
N ASP A 184 12.92 2.81 -10.57
CA ASP A 184 14.29 3.31 -10.68
C ASP A 184 14.64 3.97 -9.35
N ALA A 185 15.15 3.17 -8.42
CA ALA A 185 15.45 3.64 -7.06
C ALA A 185 16.62 4.63 -6.97
N GLN A 186 17.41 4.76 -8.04
CA GLN A 186 18.41 5.86 -8.12
C GLN A 186 17.76 7.24 -8.26
N GLY A 187 16.51 7.30 -8.71
CA GLY A 187 15.76 8.56 -8.74
C GLY A 187 14.95 8.82 -7.50
N ARG A 188 15.23 8.14 -6.39
CA ARG A 188 14.36 8.23 -5.23
C ARG A 188 14.36 9.62 -4.58
N ASP A 189 15.51 10.27 -4.56
CA ASP A 189 15.65 11.51 -3.82
C ASP A 189 15.29 12.79 -4.61
N ILE A 190 14.91 12.65 -5.88
CA ILE A 190 14.59 13.82 -6.73
C ILE A 190 13.11 14.20 -6.75
N LEU A 191 12.26 13.40 -6.11
CA LEU A 191 10.86 13.72 -5.94
C LEU A 191 10.44 13.08 -4.64
N ALA A 192 10.26 13.88 -3.60
CA ALA A 192 10.13 13.36 -2.23
C ALA A 192 9.61 14.40 -1.26
N VAL A 193 8.90 13.91 -0.25
CA VAL A 193 8.55 14.65 0.94
C VAL A 193 9.11 13.83 2.11
N PRO A 194 10.41 13.97 2.40
CA PRO A 194 11.05 13.05 3.38
C PRO A 194 10.43 13.06 4.79
N LYS A 195 9.98 14.22 5.26
CA LYS A 195 9.56 14.36 6.65
C LYS A 195 8.04 14.45 6.88
N PHE A 196 7.26 13.70 6.09
CA PHE A 196 5.90 13.33 6.49
C PHE A 196 5.74 11.83 6.49
N GLY A 197 5.45 11.28 7.67
CA GLY A 197 5.44 9.85 7.90
C GLY A 197 6.12 9.61 9.23
N THR A 198 6.46 8.37 9.52
CA THR A 198 7.07 8.05 10.83
C THR A 198 8.54 8.52 11.00
N ALA A 199 9.16 9.05 9.95
CA ALA A 199 10.47 9.69 10.09
C ALA A 199 10.39 11.10 10.69
N MET A 200 9.19 11.70 10.72
CA MET A 200 9.01 13.06 11.23
C MET A 200 9.09 13.11 12.76
N ASP A 201 9.44 14.28 13.30
CA ASP A 201 9.38 14.52 14.74
C ASP A 201 7.94 14.84 15.15
N ARG A 202 7.31 13.86 15.79
CA ARG A 202 5.90 13.92 16.21
C ARG A 202 5.55 15.10 17.12
N PHE A 203 6.50 15.51 17.97
CA PHE A 203 6.25 16.54 18.98
C PHE A 203 6.90 17.90 18.71
N ASP A 204 7.50 18.05 17.54
CA ASP A 204 8.07 19.33 17.11
C ASP A 204 6.92 20.18 16.57
N ALA A 205 6.74 21.36 17.15
CA ALA A 205 5.67 22.29 16.75
C ALA A 205 5.81 22.80 15.29
N ASP A 206 7.02 22.78 14.75
CA ASP A 206 7.27 23.16 13.34
C ASP A 206 7.34 21.98 12.36
N ASN A 207 6.93 20.79 12.78
CA ASN A 207 6.98 19.61 11.90
C ASN A 207 6.09 19.70 10.64
N GLY A 208 5.13 20.61 10.63
CA GLY A 208 4.32 20.87 9.45
C GLY A 208 5.02 21.57 8.28
N TYR A 209 6.15 22.22 8.55
CA TYR A 209 6.89 22.99 7.52
C TYR A 209 7.98 22.13 6.87
N TRP A 210 7.53 21.12 6.16
CA TRP A 210 8.44 20.15 5.52
C TRP A 210 8.85 20.58 4.13
N ALA A 211 9.96 20.04 3.66
CA ALA A 211 10.46 20.28 2.32
C ALA A 211 9.80 19.33 1.31
N PHE A 212 9.64 19.81 0.07
CA PHE A 212 9.16 19.03 -1.07
C PHE A 212 10.35 19.03 -2.02
N ASP A 213 11.12 17.93 -2.02
CA ASP A 213 12.33 17.84 -2.86
C ASP A 213 11.90 17.56 -4.28
N PHE A 214 12.46 18.31 -5.24
CA PHE A 214 11.98 18.30 -6.63
C PHE A 214 13.09 18.77 -7.56
N VAL A 215 13.60 17.88 -8.41
CA VAL A 215 14.63 18.20 -9.43
C VAL A 215 14.03 17.84 -10.79
N GLY A 216 13.38 18.83 -11.39
CA GLY A 216 12.54 18.64 -12.57
C GLY A 216 13.17 18.02 -13.81
N LYS A 217 14.39 18.41 -14.13
CA LYS A 217 15.10 17.87 -15.31
C LYS A 217 15.54 16.41 -15.12
N GLU A 218 15.89 16.05 -13.89
CA GLU A 218 16.23 14.68 -13.57
C GLU A 218 14.95 13.80 -13.58
N ILE A 219 13.84 14.34 -13.09
CA ILE A 219 12.56 13.61 -13.16
C ILE A 219 12.21 13.35 -14.62
N PHE A 220 12.30 14.39 -15.44
CA PHE A 220 12.05 14.28 -16.88
C PHE A 220 12.80 13.12 -17.55
N LYS A 221 14.12 13.13 -17.38
CA LYS A 221 14.98 12.11 -17.98
C LYS A 221 14.62 10.68 -17.53
N ARG A 222 14.54 10.51 -16.21
CA ARG A 222 14.23 9.18 -15.64
C ARG A 222 12.83 8.69 -16.00
N ALA A 223 11.85 9.60 -16.06
CA ALA A 223 10.47 9.22 -16.40
C ALA A 223 10.34 8.74 -17.84
N VAL A 224 10.94 9.50 -18.75
CA VAL A 224 10.96 9.15 -20.17
C VAL A 224 11.66 7.79 -20.39
N ARG A 225 12.83 7.62 -19.78
CA ARG A 225 13.56 6.35 -19.83
CA ARG A 225 13.56 6.35 -19.83
C ARG A 225 12.72 5.20 -19.28
N GLY A 226 12.20 5.37 -18.06
CA GLY A 226 11.40 4.35 -17.37
C GLY A 226 10.14 3.94 -18.10
N MET A 227 9.27 4.91 -18.40
CA MET A 227 8.04 4.63 -19.16
C MET A 227 8.33 4.10 -20.55
N GLY A 228 9.32 4.70 -21.22
CA GLY A 228 9.63 4.32 -22.59
C GLY A 228 10.01 2.85 -22.72
N ALA A 229 10.94 2.39 -21.89
CA ALA A 229 11.39 1.02 -21.96
C ALA A 229 10.29 0.02 -21.53
N ALA A 230 9.47 0.41 -20.55
CA ALA A 230 8.33 -0.42 -20.13
C ALA A 230 7.33 -0.58 -21.27
N ALA A 231 7.01 0.53 -21.93
CA ALA A 231 6.11 0.50 -23.08
C ALA A 231 6.67 -0.42 -24.18
N GLN A 232 7.97 -0.33 -24.45
CA GLN A 232 8.62 -1.20 -25.43
C GLN A 232 8.50 -2.68 -25.10
N GLN A 233 8.75 -3.03 -23.85
CA GLN A 233 8.62 -4.43 -23.39
C GLN A 233 7.22 -4.97 -23.60
N VAL A 234 6.24 -4.18 -23.21
CA VAL A 234 4.83 -4.51 -23.35
C VAL A 234 4.47 -4.71 -24.83
N LEU A 235 4.81 -3.74 -25.66
CA LEU A 235 4.55 -3.82 -27.09
C LEU A 235 5.25 -5.02 -27.74
N ALA A 236 6.52 -5.22 -27.40
CA ALA A 236 7.29 -6.36 -27.90
C ALA A 236 6.67 -7.71 -27.48
N ARG A 237 6.24 -7.82 -26.24
CA ARG A 237 5.55 -9.05 -25.79
C ARG A 237 4.17 -9.25 -26.45
N SER A 238 3.48 -8.16 -26.74
CA SER A 238 2.16 -8.24 -27.38
C SER A 238 2.23 -8.79 -28.80
N GLY A 239 3.36 -8.54 -29.48
CA GLY A 239 3.51 -8.87 -30.89
C GLY A 239 2.82 -7.87 -31.82
N LEU A 240 2.40 -6.73 -31.28
CA LEU A 240 1.76 -5.68 -32.08
C LEU A 240 2.84 -4.74 -32.63
N SER A 241 2.60 -4.21 -33.82
CA SER A 241 3.37 -3.07 -34.31
C SER A 241 2.84 -1.82 -33.62
N THR A 242 3.70 -0.81 -33.56
CA THR A 242 3.38 0.46 -32.93
C THR A 242 2.13 1.14 -33.51
N GLU A 243 1.94 1.04 -34.84
CA GLU A 243 0.76 1.62 -35.50
C GLU A 243 -0.59 1.00 -35.06
N GLU A 244 -0.56 -0.24 -34.55
CA GLU A 244 -1.76 -0.90 -34.04
C GLU A 244 -2.26 -0.38 -32.67
N ILE A 245 -1.46 0.41 -31.97
CA ILE A 245 -1.94 1.08 -30.75
C ILE A 245 -2.92 2.19 -31.15
N ASP A 246 -4.12 2.13 -30.58
CA ASP A 246 -5.19 3.03 -30.94
C ASP A 246 -5.18 4.28 -30.06
N VAL A 247 -4.92 4.11 -28.76
CA VAL A 247 -5.02 5.19 -27.80
C VAL A 247 -3.92 5.01 -26.77
N VAL A 248 -3.32 6.11 -26.34
CA VAL A 248 -2.39 6.13 -25.23
C VAL A 248 -3.05 6.91 -24.08
N ILE A 249 -3.05 6.33 -22.89
CA ILE A 249 -3.56 6.96 -21.67
C ILE A 249 -2.38 7.11 -20.73
N PRO A 250 -1.74 8.30 -20.74
CA PRO A 250 -0.55 8.49 -19.92
C PRO A 250 -0.85 9.15 -18.59
N HIS A 251 0.08 9.01 -17.66
CA HIS A 251 0.15 9.87 -16.49
C HIS A 251 0.25 11.33 -16.94
N GLN A 252 -0.48 12.18 -16.23
CA GLN A 252 -0.62 13.60 -16.58
C GLN A 252 0.22 14.49 -15.67
N ALA A 253 1.54 14.41 -15.82
CA ALA A 253 2.46 15.20 -15.00
C ALA A 253 3.02 16.38 -15.75
N ASN A 254 3.25 16.20 -17.04
CA ASN A 254 3.90 17.21 -17.87
C ASN A 254 3.63 16.82 -19.32
N ILE A 255 3.18 17.79 -20.12
N ILE A 255 3.19 17.79 -20.12
CA ILE A 255 2.82 17.53 -21.51
CA ILE A 255 2.83 17.53 -21.51
C ILE A 255 4.01 17.21 -22.42
C ILE A 255 4.02 17.20 -22.41
N ARG A 256 5.17 17.79 -22.14
CA ARG A 256 6.39 17.52 -22.91
C ARG A 256 6.89 16.08 -22.67
N ILE A 257 6.68 15.57 -21.45
CA ILE A 257 6.99 14.15 -21.15
C ILE A 257 6.15 13.23 -22.02
N ILE A 258 4.86 13.50 -22.09
CA ILE A 258 3.92 12.72 -22.91
C ILE A 258 4.33 12.77 -24.38
N GLN A 259 4.64 13.97 -24.86
CA GLN A 259 5.06 14.17 -26.24
C GLN A 259 6.36 13.45 -26.58
N THR A 260 7.33 13.53 -25.67
CA THR A 260 8.62 12.87 -25.86
C THR A 260 8.48 11.34 -25.87
N LEU A 261 7.69 10.80 -24.92
CA LEU A 261 7.35 9.37 -24.88
C LEU A 261 6.82 8.87 -26.24
N CYS A 262 5.80 9.55 -26.76
CA CYS A 262 5.22 9.19 -28.06
C CYS A 262 6.19 9.32 -29.23
N ASP A 263 6.96 10.40 -29.25
CA ASP A 263 7.93 10.68 -30.31
C ASP A 263 9.04 9.61 -30.36
N LEU A 264 9.64 9.32 -29.21
CA LEU A 264 10.68 8.29 -29.13
C LEU A 264 10.16 6.88 -29.45
N ALA A 265 8.89 6.61 -29.11
CA ALA A 265 8.25 5.35 -29.48
C ALA A 265 7.75 5.29 -30.93
N GLY A 266 7.65 6.45 -31.59
CA GLY A 266 7.07 6.54 -32.94
C GLY A 266 5.56 6.37 -32.93
N ILE A 267 4.92 6.72 -31.81
CA ILE A 267 3.46 6.72 -31.70
C ILE A 267 2.96 8.11 -32.10
N ALA A 268 1.90 8.15 -32.88
CA ALA A 268 1.32 9.41 -33.32
C ALA A 268 0.88 10.26 -32.12
N GLN A 269 1.26 11.53 -32.12
CA GLN A 269 0.98 12.45 -31.01
C GLN A 269 -0.51 12.55 -30.69
N ASP A 270 -1.36 12.56 -31.72
CA ASP A 270 -2.81 12.73 -31.51
C ASP A 270 -3.51 11.52 -30.83
N LYS A 271 -2.81 10.40 -30.67
CA LYS A 271 -3.37 9.25 -29.97
C LYS A 271 -3.31 9.34 -28.43
N ALA A 272 -2.49 10.24 -27.91
CA ALA A 272 -2.35 10.43 -26.46
C ALA A 272 -3.48 11.30 -25.91
N PHE A 273 -4.23 10.77 -24.94
CA PHE A 273 -5.26 11.55 -24.29
C PHE A 273 -4.67 12.47 -23.22
N VAL A 274 -5.03 13.74 -23.26
CA VAL A 274 -4.46 14.74 -22.36
C VAL A 274 -5.58 15.54 -21.69
N ASN A 275 -5.60 15.56 -20.36
CA ASN A 275 -6.51 16.44 -19.61
C ASN A 275 -5.81 17.21 -18.47
N ILE A 276 -4.49 17.31 -18.55
CA ILE A 276 -3.69 18.00 -17.55
C ILE A 276 -4.07 19.48 -17.41
N HIS A 277 -4.50 20.09 -18.52
CA HIS A 277 -4.89 21.49 -18.52
C HIS A 277 -6.00 21.77 -17.49
N ARG A 278 -6.89 20.80 -17.28
CA ARG A 278 -8.05 20.93 -16.38
C ARG A 278 -7.74 20.63 -14.92
N TYR A 279 -6.94 19.59 -14.68
CA TYR A 279 -6.77 19.04 -13.34
C TYR A 279 -5.37 19.01 -12.78
N GLY A 280 -4.36 19.33 -13.59
CA GLY A 280 -2.98 19.19 -13.17
C GLY A 280 -2.64 17.74 -12.85
N ASN A 281 -1.58 17.57 -12.06
CA ASN A 281 -1.10 16.24 -11.66
C ASN A 281 -1.84 15.80 -10.40
N THR A 282 -2.72 14.80 -10.55
CA THR A 282 -3.47 14.20 -9.44
C THR A 282 -2.87 12.84 -9.00
N SER A 283 -1.57 12.67 -9.18
CA SER A 283 -0.83 11.45 -8.86
C SER A 283 -1.56 10.17 -9.33
N ALA A 284 -1.93 9.27 -8.40
CA ALA A 284 -2.52 7.99 -8.78
C ALA A 284 -3.88 8.08 -9.47
N ALA A 285 -4.56 9.20 -9.29
CA ALA A 285 -5.84 9.44 -9.96
C ALA A 285 -5.73 9.76 -11.46
N THR A 286 -4.55 10.12 -11.96
CA THR A 286 -4.44 10.67 -13.34
C THR A 286 -4.90 9.70 -14.41
N VAL A 287 -4.38 8.48 -14.38
CA VAL A 287 -4.73 7.49 -15.39
C VAL A 287 -6.23 7.12 -15.36
N PRO A 288 -6.80 6.79 -14.19
CA PRO A 288 -8.22 6.42 -14.21
C PRO A 288 -9.17 7.59 -14.55
N ILE A 289 -8.84 8.81 -14.14
CA ILE A 289 -9.62 9.98 -14.57
C ILE A 289 -9.54 10.12 -16.09
N ALA A 290 -8.34 9.98 -16.64
CA ALA A 290 -8.11 10.11 -18.09
C ALA A 290 -8.84 9.02 -18.88
N LEU A 291 -8.76 7.79 -18.39
CA LEU A 291 -9.48 6.67 -19.01
C LEU A 291 -10.97 6.94 -19.03
N CYS A 292 -11.51 7.34 -17.89
CA CYS A 292 -12.94 7.66 -17.74
C CYS A 292 -13.36 8.77 -18.73
N GLU A 293 -12.58 9.84 -18.80
CA GLU A 293 -12.86 10.93 -19.72
C GLU A 293 -12.67 10.57 -21.21
N ALA A 294 -11.68 9.73 -21.52
CA ALA A 294 -11.49 9.21 -22.87
C ALA A 294 -12.70 8.42 -23.36
N LEU A 295 -13.24 7.58 -22.48
CA LEU A 295 -14.47 6.84 -22.76
C LEU A 295 -15.70 7.76 -22.93
N GLU A 296 -15.87 8.71 -22.01
CA GLU A 296 -16.95 9.72 -22.06
C GLU A 296 -16.93 10.56 -23.35
N GLN A 297 -15.73 10.91 -23.79
CA GLN A 297 -15.54 11.74 -24.99
C GLN A 297 -15.42 10.95 -26.30
N GLY A 298 -15.67 9.64 -26.27
CA GLY A 298 -15.68 8.84 -27.49
C GLY A 298 -14.32 8.51 -28.11
N LYS A 299 -13.24 8.60 -27.32
CA LYS A 299 -11.90 8.36 -27.85
C LYS A 299 -11.55 6.87 -27.96
N ILE A 300 -12.24 6.02 -27.21
CA ILE A 300 -11.95 4.58 -27.19
C ILE A 300 -13.11 3.84 -27.85
N LYS A 301 -12.77 3.03 -28.85
CA LYS A 301 -13.77 2.25 -29.57
C LYS A 301 -13.73 0.82 -29.03
N PRO A 302 -14.83 0.07 -29.23
CA PRO A 302 -14.77 -1.37 -28.93
C PRO A 302 -13.61 -2.07 -29.65
N HIS A 303 -12.96 -3.00 -28.96
CA HIS A 303 -11.81 -3.77 -29.47
C HIS A 303 -10.52 -2.97 -29.71
N ASP A 304 -10.42 -1.74 -29.18
CA ASP A 304 -9.20 -0.95 -29.32
C ASP A 304 -8.06 -1.50 -28.47
N ASP A 305 -6.85 -1.32 -28.97
CA ASP A 305 -5.61 -1.56 -28.22
C ASP A 305 -5.13 -0.26 -27.59
N LEU A 306 -5.10 -0.25 -26.27
CA LEU A 306 -4.71 0.91 -25.49
C LEU A 306 -3.34 0.64 -24.87
N LEU A 307 -2.52 1.68 -24.82
CA LEU A 307 -1.30 1.67 -24.06
C LEU A 307 -1.49 2.64 -22.90
N VAL A 308 -1.29 2.13 -21.70
CA VAL A 308 -1.24 2.94 -20.49
C VAL A 308 0.22 3.05 -20.07
N ALA A 309 0.66 4.22 -19.62
CA ALA A 309 2.03 4.43 -19.15
C ALA A 309 2.04 5.45 -18.03
N ALA A 310 2.85 5.22 -16.99
CA ALA A 310 2.91 6.12 -15.87
C ALA A 310 4.26 6.06 -15.17
N PHE A 311 4.51 7.05 -14.34
CA PHE A 311 5.69 7.11 -13.48
C PHE A 311 5.34 7.92 -12.25
N GLY A 312 6.17 7.83 -11.23
CA GLY A 312 5.95 8.58 -9.99
C GLY A 312 7.13 8.55 -9.06
N ALA A 313 7.02 9.23 -7.92
CA ALA A 313 8.05 9.21 -6.91
C ALA A 313 8.44 7.75 -6.59
N GLY A 314 9.74 7.52 -6.42
CA GLY A 314 10.28 6.16 -6.28
C GLY A 314 11.71 5.97 -6.83
N LEU A 315 11.97 6.25 -8.10
CA LEU A 315 10.98 6.63 -9.12
C LEU A 315 10.28 5.40 -9.72
N THR A 316 9.02 5.20 -9.35
CA THR A 316 8.24 4.10 -9.91
C THR A 316 7.87 4.39 -11.37
N TRP A 317 7.69 3.32 -12.12
CA TRP A 317 7.30 3.42 -13.52
C TRP A 317 6.54 2.20 -13.96
N GLY A 318 5.81 2.36 -15.05
CA GLY A 318 5.03 1.26 -15.61
C GLY A 318 4.37 1.52 -16.95
N ALA A 319 4.05 0.43 -17.64
CA ALA A 319 3.23 0.45 -18.83
C ALA A 319 2.38 -0.79 -18.89
N GLY A 320 1.27 -0.67 -19.60
CA GLY A 320 0.33 -1.75 -19.76
C GLY A 320 -0.36 -1.68 -21.12
N HIS A 321 -0.65 -2.87 -21.67
CA HIS A 321 -1.45 -2.99 -22.87
C HIS A 321 -2.84 -3.50 -22.47
N ILE A 322 -3.87 -2.67 -22.70
CA ILE A 322 -5.26 -3.06 -22.45
C ILE A 322 -5.91 -3.30 -23.80
N ARG A 323 -6.56 -4.46 -23.95
CA ARG A 323 -7.42 -4.72 -25.08
C ARG A 323 -8.86 -4.45 -24.61
N TRP A 324 -9.53 -3.48 -25.25
CA TRP A 324 -10.89 -3.16 -24.86
C TRP A 324 -11.85 -4.23 -25.38
N GLY A 325 -12.92 -4.44 -24.64
CA GLY A 325 -13.97 -5.35 -25.03
C GLY A 325 -15.04 -4.68 -25.87
N GLU A 326 -16.28 -5.14 -25.68
CA GLU A 326 -17.40 -4.75 -26.55
C GLU A 326 -17.99 -3.40 -26.18
N ARG A 327 -18.10 -3.11 -24.89
CA ARG A 327 -18.92 -2.01 -24.41
C ARG A 327 -18.09 -0.79 -23.98
N ILE A 328 -18.44 0.38 -24.51
CA ILE A 328 -17.85 1.66 -24.15
C ILE A 328 -18.86 2.67 -23.53
N THR A 329 -20.04 2.19 -23.16
N THR A 329 -20.05 2.18 -23.17
CA THR A 329 -21.08 3.02 -22.61
CA THR A 329 -21.13 3.00 -22.60
C THR A 329 -21.49 2.47 -21.24
C THR A 329 -21.49 2.47 -21.23
N PRO A 330 -21.77 3.35 -20.26
CA PRO A 330 -22.20 2.83 -18.94
C PRO A 330 -23.53 2.10 -18.99
N LEU A 331 -23.69 1.08 -18.17
CA LEU A 331 -24.99 0.42 -18.04
C LEU A 331 -25.96 1.30 -17.26
N GLY A 332 -25.46 1.95 -16.21
CA GLY A 332 -26.26 2.88 -15.40
C GLY A 332 -25.48 4.11 -14.99
N LYS A 333 -26.23 5.10 -14.50
CA LYS A 333 -25.67 6.33 -13.98
C LYS A 333 -25.86 6.37 -12.47
N SER A 334 -24.94 7.04 -11.78
CA SER A 334 -25.02 7.24 -10.34
C SER A 334 -25.35 8.69 -10.07
N ASP A 335 -26.25 8.90 -9.11
CA ASP A 335 -26.55 10.23 -8.56
C ASP A 335 -25.52 10.70 -7.54
N ALA A 336 -24.57 9.83 -7.15
CA ALA A 336 -23.61 10.12 -6.09
C ALA A 336 -22.82 11.40 -6.36
N GLN A 337 -22.75 12.25 -5.34
CA GLN A 337 -21.98 13.49 -5.39
C GLN A 337 -21.36 13.76 -4.03
N LEU A 338 -20.31 14.57 -4.04
CA LEU A 338 -19.72 15.08 -2.81
C LEU A 338 -20.69 16.05 -2.14
N PRO A 339 -20.55 16.24 -0.81
CA PRO A 339 -21.34 17.29 -0.16
C PRO A 339 -20.98 18.67 -0.72
N SER A 340 -21.91 19.61 -0.60
CA SER A 340 -21.73 20.94 -1.21
C SER A 340 -20.48 21.64 -0.67
N CYS A 341 -19.79 22.34 -1.56
CA CYS A 341 -18.57 23.05 -1.22
C CYS A 341 -18.94 24.52 -1.06
N ASP A 342 -18.83 25.01 0.18
CA ASP A 342 -19.23 26.37 0.53
C ASP A 342 -18.08 27.38 0.39
N HIS A 343 -16.94 26.97 -0.15
CA HIS A 343 -15.71 27.76 -0.14
C HIS A 343 -15.05 27.79 -1.51
N THR A 344 -14.37 28.90 -1.83
CA THR A 344 -13.49 28.97 -3.00
C THR A 344 -12.20 28.21 -2.70
N ALA A 345 -11.43 27.92 -3.75
CA ALA A 345 -10.14 27.23 -3.58
C ALA A 345 -9.17 28.06 -2.74
N LEU A 346 -9.12 29.37 -2.96
CA LEU A 346 -8.30 30.26 -2.13
C LEU A 346 -8.77 30.31 -0.67
N ASP A 347 -10.08 30.23 -0.45
CA ASP A 347 -10.64 30.15 0.90
C ASP A 347 -10.24 28.86 1.59
N LEU A 348 -10.37 27.73 0.89
CA LEU A 348 -9.91 26.42 1.39
C LEU A 348 -8.44 26.43 1.78
N LEU A 349 -7.61 27.05 0.92
CA LEU A 349 -6.16 27.13 1.14
C LEU A 349 -5.69 28.27 2.05
N SER A 350 -6.61 29.15 2.47
CA SER A 350 -6.30 30.37 3.22
C SER A 350 -5.41 30.15 4.44
N LYS A 351 -5.81 29.23 5.31
CA LYS A 351 -5.06 28.91 6.53
C LYS A 351 -3.65 28.42 6.22
N ALA A 352 -3.54 27.46 5.30
CA ALA A 352 -2.25 26.88 4.91
C ALA A 352 -1.30 27.88 4.26
N ILE A 353 -1.84 28.75 3.40
CA ILE A 353 -1.07 29.82 2.75
C ILE A 353 -0.51 30.79 3.82
N GLU A 354 -1.39 31.26 4.71
CA GLU A 354 -0.98 32.18 5.79
C GLU A 354 0.09 31.58 6.70
N HIS A 355 -0.09 30.31 7.10
CA HIS A 355 0.91 29.62 7.94
C HIS A 355 2.27 29.50 7.28
N CYS A 356 2.30 29.08 6.02
CA CYS A 356 3.56 28.93 5.27
C CYS A 356 4.26 30.29 5.09
N LYS A 357 3.49 31.32 4.74
CA LYS A 357 4.00 32.69 4.61
C LYS A 357 4.54 33.27 5.90
N ARG A 358 3.84 33.06 7.02
CA ARG A 358 4.30 33.53 8.33
C ARG A 358 5.62 32.86 8.72
N HIS A 359 5.64 31.54 8.60
CA HIS A 359 6.84 30.76 8.91
C HIS A 359 7.99 31.05 7.94
N THR B 2 3.09 -25.06 -16.90
CA THR B 2 2.07 -23.97 -17.02
C THR B 2 1.64 -23.47 -15.65
N GLN B 3 1.14 -24.37 -14.81
CA GLN B 3 0.80 -24.05 -13.43
C GLN B 3 2.12 -23.95 -12.65
N CYS B 4 2.42 -22.77 -12.12
CA CYS B 4 3.58 -22.62 -11.24
C CYS B 4 3.16 -22.21 -9.84
N TYR B 5 4.18 -22.11 -9.00
CA TYR B 5 4.02 -21.83 -7.59
C TYR B 5 5.15 -20.95 -7.15
N ALA B 6 4.98 -20.31 -5.99
CA ALA B 6 5.99 -19.42 -5.43
C ALA B 6 6.54 -20.02 -4.14
N GLU B 7 7.66 -20.69 -4.23
CA GLU B 7 8.27 -21.32 -3.06
C GLU B 7 8.89 -20.29 -2.11
N ILE B 8 8.70 -20.48 -0.81
CA ILE B 8 9.40 -19.63 0.16
C ILE B 8 10.82 -20.19 0.30
N THR B 9 11.77 -19.51 -0.31
CA THR B 9 13.17 -19.97 -0.37
C THR B 9 14.10 -19.23 0.59
N GLY B 10 13.63 -18.13 1.16
CA GLY B 10 14.41 -17.34 2.09
C GLY B 10 13.53 -16.73 3.15
N TRP B 11 14.07 -16.64 4.36
CA TRP B 11 13.36 -16.08 5.50
C TRP B 11 14.39 -15.30 6.30
N GLY B 12 13.95 -14.24 6.95
CA GLY B 12 14.86 -13.38 7.72
C GLY B 12 14.10 -12.44 8.62
N LYS B 13 14.78 -11.93 9.65
CA LYS B 13 14.15 -11.05 10.65
C LYS B 13 15.11 -9.97 11.07
N CYS B 14 14.54 -8.89 11.58
CA CYS B 14 15.32 -7.83 12.19
C CYS B 14 14.58 -7.26 13.38
N LEU B 15 15.10 -7.57 14.56
CA LEU B 15 14.58 -7.02 15.79
C LEU B 15 15.57 -5.98 16.28
N PRO B 16 15.11 -4.73 16.54
CA PRO B 16 16.06 -3.76 17.06
C PRO B 16 16.52 -4.12 18.48
N PRO B 17 17.77 -3.75 18.84
CA PRO B 17 18.36 -4.22 20.09
C PRO B 17 17.74 -3.67 21.36
N ALA B 18 17.31 -2.41 21.37
CA ALA B 18 16.81 -1.79 22.59
C ALA B 18 15.53 -2.49 23.05
N THR B 19 15.56 -2.99 24.29
CA THR B 19 14.50 -3.81 24.84
C THR B 19 13.82 -3.01 25.94
N LEU B 20 12.50 -2.90 25.87
CA LEU B 20 11.73 -2.27 26.92
C LEU B 20 11.06 -3.37 27.72
N SER B 21 11.49 -3.53 28.97
CA SER B 21 10.94 -4.56 29.84
C SER B 21 9.68 -4.05 30.53
N ASN B 22 8.95 -4.97 31.14
CA ASN B 22 7.79 -4.61 31.94
C ASN B 22 8.19 -3.74 33.14
N HIS B 23 9.35 -4.01 33.73
CA HIS B 23 9.90 -3.15 34.78
C HIS B 23 10.11 -1.72 34.28
N ASP B 24 10.71 -1.56 33.10
CA ASP B 24 10.91 -0.23 32.51
C ASP B 24 9.58 0.54 32.43
N LEU B 25 8.53 -0.14 31.96
CA LEU B 25 7.19 0.45 31.84
C LEU B 25 6.62 0.87 33.19
N SER B 26 6.89 0.08 34.22
CA SER B 26 6.45 0.39 35.59
C SER B 26 7.07 1.64 36.20
N THR B 27 8.21 2.10 35.67
CA THR B 27 8.85 3.32 36.20
C THR B 27 8.12 4.60 35.79
N PHE B 28 7.33 4.57 34.71
CA PHE B 28 6.54 5.74 34.28
C PHE B 28 5.04 5.52 34.08
N LEU B 29 4.56 4.28 34.17
CA LEU B 29 3.13 3.96 34.15
C LEU B 29 2.75 3.18 35.41
N ASP B 30 1.49 3.27 35.81
CA ASP B 30 0.98 2.50 36.94
C ASP B 30 0.67 1.08 36.48
N THR B 31 1.72 0.27 36.38
CA THR B 31 1.60 -1.11 35.94
C THR B 31 2.66 -1.96 36.64
N SER B 32 2.59 -3.27 36.43
CA SER B 32 3.57 -4.20 37.00
C SER B 32 3.88 -5.32 35.99
N ASP B 33 5.06 -5.90 36.11
CA ASP B 33 5.42 -7.10 35.34
C ASP B 33 4.43 -8.24 35.63
N GLU B 34 4.04 -8.34 36.89
CA GLU B 34 3.03 -9.33 37.34
C GLU B 34 1.73 -9.25 36.54
N TRP B 35 1.13 -8.06 36.46
CA TRP B 35 -0.12 -7.91 35.73
C TRP B 35 0.05 -8.17 34.23
N ILE B 36 1.07 -7.55 33.62
CA ILE B 36 1.28 -7.61 32.16
C ILE B 36 1.54 -9.06 31.72
N GLN B 37 2.47 -9.73 32.40
CA GLN B 37 2.82 -11.12 32.05
C GLN B 37 1.60 -12.04 32.25
N SER B 38 0.85 -11.86 33.33
CA SER B 38 -0.36 -12.66 33.61
C SER B 38 -1.49 -12.38 32.61
N ARG B 39 -1.76 -11.11 32.33
CA ARG B 39 -2.88 -10.71 31.46
C ARG B 39 -2.58 -10.85 29.96
N THR B 40 -1.39 -10.43 29.53
CA THR B 40 -1.00 -10.43 28.11
C THR B 40 -0.02 -11.56 27.73
N GLY B 41 0.83 -11.97 28.67
CA GLY B 41 1.92 -12.89 28.35
C GLY B 41 3.15 -12.19 27.77
N ILE B 42 3.13 -10.85 27.70
CA ILE B 42 4.26 -10.08 27.16
C ILE B 42 5.22 -9.80 28.29
N GLU B 43 6.49 -10.09 28.06
CA GLU B 43 7.57 -9.79 29.00
C GLU B 43 8.38 -8.60 28.50
N GLN B 44 8.70 -8.62 27.22
CA GLN B 44 9.53 -7.63 26.58
C GLN B 44 8.97 -7.20 25.23
N ARG B 45 9.48 -6.09 24.73
CA ARG B 45 9.25 -5.66 23.35
C ARG B 45 10.43 -4.79 22.93
N ARG B 46 10.63 -4.66 21.62
CA ARG B 46 11.77 -3.89 21.11
C ARG B 46 11.34 -2.52 20.64
N ILE B 47 12.19 -1.53 20.89
CA ILE B 47 11.98 -0.16 20.48
C ILE B 47 13.08 0.22 19.49
N SER B 48 12.69 0.63 18.29
CA SER B 48 13.65 0.95 17.24
C SER B 48 14.30 2.31 17.45
N HIS B 49 15.60 2.36 17.16
CA HIS B 49 16.38 3.60 17.09
C HIS B 49 16.55 4.06 15.63
N VAL B 50 15.98 3.30 14.70
CA VAL B 50 16.07 3.60 13.28
C VAL B 50 14.67 3.57 12.68
N ASN B 51 14.56 4.11 11.46
CA ASN B 51 13.28 4.12 10.76
C ASN B 51 12.86 2.73 10.28
N THR B 52 11.57 2.60 9.99
CA THR B 52 10.97 1.34 9.51
C THR B 52 11.73 0.73 8.33
N SER B 53 12.13 1.57 7.36
CA SER B 53 12.83 1.09 6.16
C SER B 53 14.17 0.45 6.47
N ASP B 54 14.83 0.91 7.54
CA ASP B 54 16.08 0.31 7.99
C ASP B 54 15.86 -1.09 8.58
N LEU B 55 14.79 -1.26 9.36
CA LEU B 55 14.39 -2.59 9.84
C LEU B 55 14.06 -3.53 8.69
N ALA B 56 13.28 -3.02 7.73
CA ALA B 56 12.91 -3.77 6.53
C ALA B 56 14.16 -4.21 5.71
N THR B 57 15.14 -3.32 5.62
CA THR B 57 16.35 -3.58 4.84
C THR B 57 17.13 -4.75 5.42
N VAL B 58 17.38 -4.72 6.73
CA VAL B 58 18.12 -5.79 7.38
C VAL B 58 17.39 -7.11 7.27
N ALA B 59 16.09 -7.14 7.55
CA ALA B 59 15.30 -8.39 7.38
C ALA B 59 15.41 -8.96 5.97
N ALA B 60 15.33 -8.09 4.98
CA ALA B 60 15.51 -8.48 3.58
C ALA B 60 16.91 -9.07 3.29
N GLN B 61 17.95 -8.42 3.80
CA GLN B 61 19.32 -8.93 3.60
C GLN B 61 19.48 -10.35 4.13
N HIS B 62 18.88 -10.61 5.30
CA HIS B 62 18.94 -11.93 5.90
C HIS B 62 18.18 -12.94 5.03
N ALA B 63 17.01 -12.55 4.54
CA ALA B 63 16.22 -13.44 3.69
C ALA B 63 16.89 -13.73 2.35
N ILE B 64 17.56 -12.73 1.79
CA ILE B 64 18.26 -12.87 0.51
C ILE B 64 19.43 -13.85 0.64
N ALA B 65 20.24 -13.69 1.69
CA ALA B 65 21.32 -14.63 2.02
C ALA B 65 20.75 -16.02 2.25
N CYS B 66 19.66 -16.12 3.00
CA CYS B 66 19.00 -17.40 3.28
C CYS B 66 18.59 -18.13 1.98
N ALA B 67 18.10 -17.36 1.00
CA ALA B 67 17.68 -17.88 -0.30
C ALA B 67 18.82 -18.07 -1.30
N GLY B 68 19.98 -17.47 -1.02
CA GLY B 68 21.11 -17.52 -1.95
C GLY B 68 20.81 -16.85 -3.28
N VAL B 69 19.90 -15.87 -3.29
CA VAL B 69 19.53 -15.22 -4.56
C VAL B 69 20.33 -13.94 -4.75
N SER B 70 20.54 -13.58 -6.00
CA SER B 70 21.21 -12.33 -6.34
C SER B 70 20.19 -11.19 -6.30
N VAL B 71 20.62 -10.03 -5.83
CA VAL B 71 19.78 -8.82 -5.90
C VAL B 71 19.34 -8.46 -7.32
N GLU B 72 20.13 -8.83 -8.32
CA GLU B 72 19.72 -8.68 -9.73
C GLU B 72 18.53 -9.56 -10.15
N GLU B 73 18.27 -10.64 -9.42
CA GLU B 73 17.17 -11.56 -9.74
C GLU B 73 15.82 -11.15 -9.16
N ILE B 74 15.81 -10.20 -8.22
CA ILE B 74 14.57 -9.81 -7.54
C ILE B 74 13.73 -8.91 -8.46
N ASP B 75 12.53 -9.37 -8.81
CA ASP B 75 11.61 -8.67 -9.72
C ASP B 75 10.50 -7.88 -9.04
N LEU B 76 10.29 -8.13 -7.75
CA LEU B 76 9.15 -7.56 -7.04
C LEU B 76 9.49 -7.40 -5.56
N ILE B 77 9.19 -6.22 -5.04
CA ILE B 77 9.41 -5.90 -3.64
C ILE B 77 8.09 -5.36 -3.07
N ILE B 78 7.53 -6.04 -2.08
CA ILE B 78 6.35 -5.56 -1.36
C ILE B 78 6.68 -5.36 0.11
N VAL B 79 6.47 -4.14 0.62
CA VAL B 79 6.61 -3.85 2.03
C VAL B 79 5.23 -3.58 2.63
N ALA B 80 4.80 -4.49 3.50
CA ALA B 80 3.58 -4.32 4.28
C ALA B 80 3.92 -3.57 5.57
N THR B 81 3.28 -2.43 5.74
CA THR B 81 3.53 -1.56 6.88
C THR B 81 2.37 -0.59 7.08
N CYS B 82 2.13 -0.17 8.31
CA CYS B 82 1.28 0.99 8.59
C CYS B 82 2.09 2.10 9.29
N SER B 83 3.41 1.99 9.25
CA SER B 83 4.27 3.01 9.89
C SER B 83 5.45 3.40 8.98
N PRO B 84 5.17 3.72 7.70
CA PRO B 84 6.28 4.03 6.79
C PRO B 84 6.99 5.34 7.15
N ASP B 85 8.31 5.36 6.96
CA ASP B 85 9.16 6.56 7.10
C ASP B 85 8.52 7.78 6.44
N SER B 86 8.08 7.54 5.20
CA SER B 86 7.50 8.57 4.36
C SER B 86 6.40 7.96 3.50
N LEU B 87 5.52 8.83 3.03
CA LEU B 87 4.49 8.48 2.07
C LEU B 87 4.98 8.77 0.64
N ILE B 88 5.75 9.84 0.45
CA ILE B 88 6.29 10.22 -0.86
C ILE B 88 7.81 10.30 -0.74
N PRO B 89 8.53 9.36 -1.36
CA PRO B 89 8.06 8.13 -2.02
C PRO B 89 7.79 7.05 -0.98
N ASN B 90 7.41 5.88 -1.49
CA ASN B 90 7.16 4.71 -0.66
C ASN B 90 8.46 4.11 -0.06
N ILE B 91 8.35 3.30 0.98
CA ILE B 91 9.58 2.71 1.57
C ILE B 91 10.08 1.45 0.90
N ALA B 92 9.25 0.80 0.08
CA ALA B 92 9.72 -0.29 -0.78
C ALA B 92 10.86 0.19 -1.68
N SER B 93 10.71 1.38 -2.25
CA SER B 93 11.77 1.99 -3.07
C SER B 93 13.06 2.28 -2.28
N ARG B 94 12.92 2.58 -0.98
CA ARG B 94 14.07 2.81 -0.11
C ARG B 94 14.84 1.50 0.15
N VAL B 95 14.09 0.43 0.38
CA VAL B 95 14.68 -0.91 0.53
C VAL B 95 15.41 -1.27 -0.77
N GLN B 96 14.74 -1.02 -1.90
CA GLN B 96 15.34 -1.26 -3.21
C GLN B 96 16.67 -0.48 -3.39
N GLN B 97 16.62 0.81 -3.05
CA GLN B 97 17.82 1.68 -3.12
C GLN B 97 18.95 1.16 -2.22
N ASN B 98 18.60 0.83 -0.98
CA ASN B 98 19.56 0.28 -0.01
C ASN B 98 20.21 -1.01 -0.47
N LEU B 99 19.42 -1.92 -1.05
CA LEU B 99 19.90 -3.23 -1.51
C LEU B 99 20.55 -3.22 -2.89
N GLY B 100 20.41 -2.14 -3.63
CA GLY B 100 20.92 -2.07 -5.00
C GLY B 100 20.17 -3.00 -5.96
N ILE B 101 18.88 -3.17 -5.76
CA ILE B 101 18.09 -4.02 -6.65
C ILE B 101 17.73 -3.17 -7.89
N PRO B 102 18.13 -3.59 -9.10
CA PRO B 102 17.75 -2.77 -10.26
C PRO B 102 16.32 -3.13 -10.69
N SER B 103 15.60 -2.15 -11.23
CA SER B 103 14.34 -2.38 -11.97
C SER B 103 13.09 -2.89 -11.24
N ALA B 104 13.20 -3.57 -10.08
CA ALA B 104 12.07 -4.30 -9.51
C ALA B 104 10.84 -3.41 -9.29
N ALA B 105 9.66 -3.95 -9.50
CA ALA B 105 8.42 -3.34 -9.03
C ALA B 105 8.54 -3.21 -7.52
N ALA B 106 8.23 -2.03 -6.99
CA ALA B 106 8.37 -1.74 -5.58
C ALA B 106 7.16 -0.97 -5.06
N PHE B 107 6.40 -1.56 -4.14
CA PHE B 107 5.28 -0.87 -3.53
C PHE B 107 5.04 -1.21 -2.06
N ASP B 108 4.42 -0.27 -1.36
CA ASP B 108 4.02 -0.45 0.02
C ASP B 108 2.56 -0.86 0.02
N LEU B 109 2.22 -1.77 0.92
CA LEU B 109 0.87 -2.29 1.06
C LEU B 109 0.44 -2.03 2.50
N ASN B 110 -0.73 -1.42 2.68
CA ASN B 110 -1.29 -1.21 4.00
C ASN B 110 -2.60 -1.98 4.19
N ALA B 111 -2.53 -3.05 4.98
CA ALA B 111 -3.71 -3.76 5.50
C ALA B 111 -3.52 -4.11 6.97
N ALA B 112 -2.87 -3.19 7.70
CA ALA B 112 -2.53 -3.37 9.10
C ALA B 112 -1.77 -4.69 9.31
N ALA B 113 -2.01 -5.42 10.40
CA ALA B 113 -1.23 -6.62 10.69
C ALA B 113 -1.44 -7.74 9.67
N THR B 114 -2.58 -7.74 8.98
CA THR B 114 -2.83 -8.71 7.91
C THR B 114 -2.02 -8.41 6.63
N GLY B 115 -1.33 -7.27 6.59
CA GLY B 115 -0.54 -6.86 5.43
C GLY B 115 0.46 -7.86 4.91
N PHE B 116 1.13 -8.61 5.79
CA PHE B 116 2.08 -9.61 5.31
C PHE B 116 1.38 -10.73 4.54
N LEU B 117 0.26 -11.21 5.07
CA LEU B 117 -0.51 -12.22 4.34
C LEU B 117 -1.09 -11.67 3.03
N TYR B 118 -1.60 -10.45 3.05
CA TYR B 118 -2.03 -9.77 1.81
C TYR B 118 -0.87 -9.71 0.81
N GLY B 119 0.31 -9.36 1.30
CA GLY B 119 1.52 -9.29 0.48
C GLY B 119 1.95 -10.62 -0.10
N LEU B 120 1.90 -11.67 0.72
CA LEU B 120 2.27 -13.02 0.29
C LEU B 120 1.29 -13.56 -0.74
N GLU B 121 0.00 -13.29 -0.55
CA GLU B 121 -1.02 -13.63 -1.53
C GLU B 121 -0.76 -12.88 -2.86
N THR B 122 -0.54 -11.58 -2.76
CA THR B 122 -0.36 -10.75 -3.93
C THR B 122 0.88 -11.16 -4.74
N ALA B 123 2.00 -11.33 -4.06
CA ALA B 123 3.24 -11.73 -4.72
C ALA B 123 3.10 -13.11 -5.36
N THR B 124 2.48 -14.03 -4.65
CA THR B 124 2.26 -15.37 -5.17
C THR B 124 1.46 -15.35 -6.48
N ARG B 125 0.34 -14.61 -6.49
CA ARG B 125 -0.52 -14.58 -7.67
C ARG B 125 0.14 -13.83 -8.82
N LEU B 126 0.89 -12.77 -8.50
CA LEU B 126 1.66 -12.05 -9.52
C LEU B 126 2.64 -12.98 -10.22
N MET B 127 3.34 -13.79 -9.42
CA MET B 127 4.27 -14.76 -9.96
C MET B 127 3.57 -15.86 -10.77
N GLN B 128 2.42 -16.34 -10.30
CA GLN B 128 1.68 -17.38 -10.99
C GLN B 128 1.07 -16.93 -12.34
N ALA B 129 0.63 -15.67 -12.42
CA ALA B 129 -0.08 -15.17 -13.59
C ALA B 129 0.77 -14.31 -14.53
N SER B 130 1.98 -13.95 -14.12
CA SER B 130 2.82 -13.07 -14.93
C SER B 130 4.30 -13.43 -14.82
N HIS B 131 5.17 -12.51 -15.24
CA HIS B 131 6.63 -12.74 -15.38
C HIS B 131 7.39 -12.10 -14.22
N TYR B 132 7.24 -12.68 -13.04
CA TYR B 132 8.05 -12.33 -11.88
C TYR B 132 8.65 -13.66 -11.43
N ARG B 133 9.99 -13.72 -11.38
CA ARG B 133 10.73 -14.96 -11.10
C ARG B 133 11.03 -15.09 -9.60
N HIS B 134 11.39 -13.95 -9.00
CA HIS B 134 11.70 -13.86 -7.58
C HIS B 134 11.07 -12.61 -6.98
N ALA B 135 10.61 -12.75 -5.73
CA ALA B 135 10.02 -11.65 -5.02
C ALA B 135 10.52 -11.58 -3.58
N LEU B 136 10.44 -10.37 -3.03
CA LEU B 136 10.79 -10.07 -1.67
C LEU B 136 9.54 -9.47 -1.01
N VAL B 137 9.05 -10.12 0.05
CA VAL B 137 7.86 -9.66 0.75
C VAL B 137 8.24 -9.44 2.20
N ILE B 138 7.98 -8.22 2.68
CA ILE B 138 8.48 -7.75 3.96
C ILE B 138 7.34 -7.19 4.77
N GLY B 139 7.29 -7.57 6.05
CA GLY B 139 6.42 -6.92 7.04
C GLY B 139 7.32 -6.17 8.00
N ALA B 140 7.09 -4.86 8.16
CA ALA B 140 8.00 -4.00 8.92
C ALA B 140 7.23 -2.88 9.61
N GLU B 141 7.53 -2.65 10.89
CA GLU B 141 6.82 -1.62 11.65
C GLU B 141 7.67 -0.94 12.71
N ARG B 142 7.42 0.36 12.86
CA ARG B 142 7.84 1.10 14.03
C ARG B 142 6.61 1.69 14.73
N LEU B 143 5.92 0.82 15.46
CA LEU B 143 4.67 1.21 16.14
C LEU B 143 4.89 2.13 17.34
N SER B 144 6.08 2.09 17.92
CA SER B 144 6.44 3.01 19.02
C SER B 144 6.20 4.48 18.65
N PHE B 145 6.36 4.83 17.36
CA PHE B 145 6.00 6.16 16.84
C PHE B 145 4.61 6.65 17.29
N TYR B 146 3.64 5.74 17.30
CA TYR B 146 2.21 6.06 17.51
C TYR B 146 1.71 6.17 18.96
N LEU B 147 2.41 5.57 19.91
CA LEU B 147 1.84 5.27 21.23
C LEU B 147 1.66 6.51 22.11
N ASP B 148 0.62 6.48 22.95
CA ASP B 148 0.42 7.47 24.00
C ASP B 148 0.97 6.87 25.29
N TRP B 149 2.09 7.44 25.75
CA TRP B 149 2.85 6.87 26.88
C TRP B 149 2.26 7.14 28.27
N THR B 150 1.13 7.86 28.33
CA THR B 150 0.36 7.98 29.56
C THR B 150 -0.72 6.91 29.70
N LYS B 151 -1.02 6.17 28.63
CA LYS B 151 -2.08 5.15 28.65
C LYS B 151 -1.47 3.76 28.70
N ARG B 152 -1.57 3.13 29.88
CA ARG B 152 -1.04 1.79 30.11
C ARG B 152 -1.76 0.69 29.27
N ASP B 153 -3.03 0.92 28.94
CA ASP B 153 -3.83 -0.04 28.15
C ASP B 153 -3.14 -0.45 26.86
N THR B 154 -2.73 0.55 26.10
CA THR B 154 -2.11 0.35 24.80
C THR B 154 -0.58 0.40 24.83
N ALA B 155 0.00 1.14 25.77
CA ALA B 155 1.47 1.33 25.78
C ALA B 155 2.29 0.06 26.02
N VAL B 156 1.68 -0.97 26.63
CA VAL B 156 2.36 -2.22 26.97
C VAL B 156 2.24 -3.32 25.89
N LEU B 157 1.43 -3.12 24.85
CA LEU B 157 1.07 -4.19 23.89
C LEU B 157 1.87 -4.24 22.56
N PHE B 158 2.52 -3.15 22.17
CA PHE B 158 3.10 -3.04 20.82
C PHE B 158 4.61 -2.90 20.83
N GLY B 159 5.23 -3.37 19.75
CA GLY B 159 6.68 -3.28 19.58
C GLY B 159 7.07 -2.99 18.16
N ASP B 160 8.38 -2.88 17.93
CA ASP B 160 8.93 -2.63 16.61
C ASP B 160 9.67 -3.87 16.10
N GLY B 161 9.76 -4.00 14.78
CA GLY B 161 10.47 -5.09 14.15
C GLY B 161 10.12 -5.29 12.68
N ALA B 162 10.80 -6.26 12.07
CA ALA B 162 10.59 -6.59 10.67
C ALA B 162 10.92 -8.05 10.39
N GLY B 163 10.14 -8.65 9.49
CA GLY B 163 10.38 -9.98 8.98
C GLY B 163 10.24 -9.99 7.47
N ALA B 164 10.91 -10.93 6.81
CA ALA B 164 10.93 -10.97 5.36
C ALA B 164 11.00 -12.39 4.82
N VAL B 165 10.43 -12.56 3.63
CA VAL B 165 10.63 -13.79 2.88
C VAL B 165 11.08 -13.46 1.44
N VAL B 166 11.75 -14.44 0.83
CA VAL B 166 12.04 -14.43 -0.59
C VAL B 166 11.26 -15.59 -1.19
N LEU B 167 10.59 -15.31 -2.32
CA LEU B 167 9.83 -16.27 -3.09
C LEU B 167 10.52 -16.54 -4.40
N SER B 168 10.50 -17.81 -4.83
CA SER B 168 11.15 -18.28 -6.06
C SER B 168 10.15 -19.10 -6.86
N LYS B 169 10.02 -18.79 -8.14
CA LYS B 169 9.06 -19.45 -9.02
C LYS B 169 9.51 -20.90 -9.25
N THR B 170 8.57 -21.84 -9.19
CA THR B 170 8.85 -23.26 -9.37
C THR B 170 7.61 -24.01 -9.91
N GLU B 171 7.85 -25.18 -10.49
CA GLU B 171 6.78 -26.09 -10.90
C GLU B 171 6.33 -26.98 -9.74
N GLN B 172 7.12 -27.07 -8.67
CA GLN B 172 6.76 -27.91 -7.52
C GLN B 172 5.59 -27.25 -6.79
N LYS B 173 4.67 -28.09 -6.32
CA LYS B 173 3.47 -27.66 -5.60
C LYS B 173 3.81 -27.30 -4.16
N VAL B 174 4.37 -26.11 -3.99
CA VAL B 174 4.87 -25.64 -2.69
C VAL B 174 4.54 -24.16 -2.51
N GLY B 175 4.82 -23.65 -1.32
CA GLY B 175 4.50 -22.26 -0.98
C GLY B 175 3.00 -22.12 -0.72
N LEU B 176 2.50 -20.89 -0.87
CA LEU B 176 1.11 -20.59 -0.60
C LEU B 176 0.22 -21.32 -1.62
N GLN B 177 -0.69 -22.13 -1.11
CA GLN B 177 -1.69 -22.84 -1.91
C GLN B 177 -2.94 -21.98 -1.87
N ASP B 178 -4.02 -22.39 -1.20
CA ASP B 178 -5.16 -21.50 -1.11
C ASP B 178 -4.94 -20.43 -0.02
N ALA B 179 -5.55 -19.27 -0.24
CA ALA B 179 -5.61 -18.19 0.73
C ALA B 179 -6.97 -17.53 0.62
N GLN B 180 -7.46 -17.04 1.74
CA GLN B 180 -8.61 -16.18 1.75
C GLN B 180 -8.35 -14.98 2.63
N ILE B 181 -8.44 -13.81 2.00
CA ILE B 181 -8.18 -12.55 2.66
C ILE B 181 -9.43 -11.70 2.54
N GLY B 182 -9.64 -10.83 3.52
CA GLY B 182 -10.86 -10.04 3.54
C GLY B 182 -10.79 -8.93 4.53
N CYS B 183 -11.95 -8.29 4.71
CA CYS B 183 -12.05 -7.19 5.63
C CYS B 183 -13.48 -7.06 6.13
N ASP B 184 -13.62 -6.92 7.44
CA ASP B 184 -14.89 -6.68 8.11
C ASP B 184 -14.94 -5.19 8.41
N ALA B 185 -15.45 -4.44 7.44
CA ALA B 185 -15.49 -2.97 7.56
C ALA B 185 -16.47 -2.45 8.64
N GLN B 186 -17.36 -3.30 9.16
CA GLN B 186 -18.19 -2.94 10.33
C GLN B 186 -17.35 -2.83 11.60
N GLY B 187 -16.17 -3.45 11.61
CA GLY B 187 -15.24 -3.29 12.71
C GLY B 187 -14.24 -2.16 12.52
N ARG B 188 -14.49 -1.23 11.60
CA ARG B 188 -13.48 -0.22 11.27
C ARG B 188 -13.22 0.75 12.42
N ASP B 189 -14.28 1.10 13.15
CA ASP B 189 -14.19 2.16 14.17
C ASP B 189 -13.79 1.70 15.57
N ILE B 190 -13.55 0.39 15.74
CA ILE B 190 -13.14 -0.18 17.04
C ILE B 190 -11.62 -0.36 17.22
N LEU B 191 -10.82 -0.06 16.18
CA LEU B 191 -9.35 -0.07 16.26
C LEU B 191 -8.84 0.91 15.21
N ALA B 192 -8.34 2.06 15.66
CA ALA B 192 -7.99 3.16 14.74
C ALA B 192 -7.13 4.22 15.42
N VAL B 193 -6.35 4.92 14.60
CA VAL B 193 -5.69 6.16 14.97
C VAL B 193 -6.15 7.19 13.91
N PRO B 194 -7.37 7.77 14.09
CA PRO B 194 -7.97 8.56 13.00
C PRO B 194 -7.15 9.77 12.54
N LYS B 195 -6.45 10.43 13.46
CA LYS B 195 -5.81 11.70 13.14
C LYS B 195 -4.30 11.63 12.94
N PHE B 196 -3.81 10.53 12.36
CA PHE B 196 -2.50 10.55 11.72
C PHE B 196 -2.63 10.13 10.26
N GLY B 197 -2.30 11.05 9.37
CA GLY B 197 -2.54 10.90 7.94
C GLY B 197 -3.02 12.24 7.41
N THR B 198 -3.55 12.26 6.20
CA THR B 198 -4.00 13.54 5.60
C THR B 198 -5.31 14.11 6.18
N ALA B 199 -5.96 13.39 7.10
CA ALA B 199 -7.08 13.94 7.83
C ALA B 199 -6.64 14.86 8.98
N MET B 200 -5.38 14.80 9.39
CA MET B 200 -4.88 15.60 10.52
C MET B 200 -4.72 17.08 10.17
N ASP B 201 -4.78 17.94 11.19
CA ASP B 201 -4.48 19.36 11.04
C ASP B 201 -2.97 19.55 11.01
N ARG B 202 -2.44 19.80 9.81
CA ARG B 202 -1.01 19.94 9.57
C ARG B 202 -0.32 21.03 10.38
N PHE B 203 -1.03 22.12 10.67
CA PHE B 203 -0.45 23.29 11.31
C PHE B 203 -0.89 23.50 12.77
N ASP B 204 -1.60 22.54 13.33
CA ASP B 204 -1.95 22.55 14.74
C ASP B 204 -0.74 22.04 15.52
N ALA B 205 -0.24 22.85 16.45
CA ALA B 205 0.93 22.48 17.28
C ALA B 205 0.71 21.26 18.20
N ASP B 206 -0.55 20.97 18.53
CA ASP B 206 -0.92 19.79 19.33
C ASP B 206 -1.36 18.57 18.49
N ASN B 207 -1.15 18.58 17.17
CA ASN B 207 -1.57 17.47 16.32
C ASN B 207 -0.86 16.13 16.61
N GLY B 208 0.25 16.16 17.33
CA GLY B 208 0.92 14.95 17.79
C GLY B 208 0.21 14.15 18.88
N TYR B 209 -0.72 14.78 19.61
CA TYR B 209 -1.40 14.13 20.75
C TYR B 209 -2.73 13.53 20.30
N TRP B 210 -2.63 12.52 19.44
CA TRP B 210 -3.80 11.91 18.83
C TRP B 210 -4.42 10.84 19.73
N ALA B 211 -5.73 10.65 19.54
CA ALA B 211 -6.52 9.67 20.27
C ALA B 211 -6.54 8.34 19.55
N PHE B 212 -6.89 7.30 20.30
CA PHE B 212 -7.15 5.96 19.77
C PHE B 212 -8.60 5.55 19.97
N ASP B 213 -9.19 4.96 18.93
CA ASP B 213 -10.37 4.14 19.07
C ASP B 213 -9.89 2.71 19.35
N PHE B 214 -10.43 2.12 20.40
CA PHE B 214 -10.07 0.77 20.85
C PHE B 214 -11.23 0.22 21.69
N VAL B 215 -11.86 -0.86 21.20
CA VAL B 215 -12.89 -1.61 21.94
C VAL B 215 -12.47 -3.08 21.92
N GLY B 216 -11.74 -3.49 22.95
CA GLY B 216 -11.06 -4.78 23.01
C GLY B 216 -11.89 -6.03 22.83
N LYS B 217 -13.07 -6.08 23.45
CA LYS B 217 -13.95 -7.25 23.34
C LYS B 217 -14.59 -7.40 21.95
N GLU B 218 -14.86 -6.26 21.31
CA GLU B 218 -15.35 -6.27 19.94
C GLU B 218 -14.24 -6.68 18.95
N ILE B 219 -13.02 -6.22 19.18
CA ILE B 219 -11.88 -6.67 18.37
C ILE B 219 -11.73 -8.19 18.50
N PHE B 220 -11.77 -8.68 19.73
CA PHE B 220 -11.65 -10.12 20.00
C PHE B 220 -12.68 -10.92 19.17
N LYS B 221 -13.95 -10.55 19.29
CA LYS B 221 -15.04 -11.26 18.61
C LYS B 221 -14.87 -11.25 17.08
N ARG B 222 -14.66 -10.06 16.52
CA ARG B 222 -14.52 -9.92 15.08
C ARG B 222 -13.27 -10.63 14.53
N ALA B 223 -12.18 -10.61 15.29
CA ALA B 223 -10.91 -11.23 14.86
C ALA B 223 -11.07 -12.74 14.80
N VAL B 224 -11.64 -13.31 15.85
CA VAL B 224 -11.91 -14.76 15.93
C VAL B 224 -12.85 -15.19 14.79
N ARG B 225 -13.95 -14.46 14.61
N ARG B 225 -13.94 -14.45 14.59
CA ARG B 225 -14.90 -14.73 13.52
CA ARG B 225 -14.90 -14.75 13.51
C ARG B 225 -14.22 -14.64 12.15
C ARG B 225 -14.28 -14.61 12.12
N GLY B 226 -13.52 -13.53 11.91
CA GLY B 226 -12.81 -13.29 10.64
C GLY B 226 -11.74 -14.31 10.30
N MET B 227 -10.77 -14.49 11.19
CA MET B 227 -9.72 -15.49 10.98
C MET B 227 -10.28 -16.91 10.92
N GLY B 228 -11.22 -17.22 11.81
CA GLY B 228 -11.77 -18.57 11.91
C GLY B 228 -12.41 -19.03 10.59
N ALA B 229 -13.28 -18.19 10.03
CA ALA B 229 -13.98 -18.54 8.79
C ALA B 229 -13.02 -18.57 7.59
N ALA B 230 -12.04 -17.69 7.57
CA ALA B 230 -11.01 -17.70 6.53
C ALA B 230 -10.21 -19.02 6.60
N ALA B 231 -9.79 -19.40 7.79
CA ALA B 231 -9.07 -20.66 7.98
C ALA B 231 -9.90 -21.85 7.51
N GLN B 232 -11.21 -21.86 7.84
CA GLN B 232 -12.12 -22.93 7.38
C GLN B 232 -12.22 -23.02 5.86
N GLN B 233 -12.38 -21.88 5.19
CA GLN B 233 -12.42 -21.84 3.73
C GLN B 233 -11.17 -22.43 3.10
N VAL B 234 -10.02 -22.00 3.61
CA VAL B 234 -8.71 -22.47 3.14
C VAL B 234 -8.55 -23.99 3.33
N LEU B 235 -8.83 -24.46 4.54
CA LEU B 235 -8.78 -25.88 4.84
C LEU B 235 -9.76 -26.70 3.98
N ALA B 236 -10.98 -26.22 3.86
CA ALA B 236 -11.99 -26.86 3.01
C ALA B 236 -11.55 -26.94 1.54
N ARG B 237 -10.98 -25.85 1.02
CA ARG B 237 -10.48 -25.86 -0.37
C ARG B 237 -9.25 -26.77 -0.55
N SER B 238 -8.43 -26.89 0.48
CA SER B 238 -7.26 -27.76 0.43
C SER B 238 -7.62 -29.25 0.35
N GLY B 239 -8.77 -29.63 0.92
CA GLY B 239 -9.15 -31.03 1.06
C GLY B 239 -8.43 -31.76 2.19
N LEU B 240 -7.74 -31.02 3.06
CA LEU B 240 -7.05 -31.60 4.21
C LEU B 240 -7.97 -31.67 5.40
N SER B 241 -7.79 -32.71 6.22
CA SER B 241 -8.40 -32.74 7.54
C SER B 241 -7.58 -31.85 8.45
N THR B 242 -8.23 -31.38 9.50
CA THR B 242 -7.63 -30.49 10.48
C THR B 242 -6.37 -31.09 11.13
N GLU B 243 -6.38 -32.39 11.38
CA GLU B 243 -5.21 -33.06 11.96
C GLU B 243 -3.95 -33.06 11.06
N GLU B 244 -4.12 -32.89 9.76
CA GLU B 244 -3.00 -32.80 8.81
C GLU B 244 -2.24 -31.45 8.84
N ILE B 245 -2.80 -30.43 9.50
CA ILE B 245 -2.07 -29.19 9.71
C ILE B 245 -0.95 -29.44 10.74
N ASP B 246 0.28 -29.14 10.34
CA ASP B 246 1.47 -29.42 11.16
C ASP B 246 1.80 -28.25 12.08
N VAL B 247 1.70 -27.03 11.55
CA VAL B 247 2.08 -25.85 12.29
C VAL B 247 1.10 -24.72 11.97
N VAL B 248 0.76 -23.92 12.98
CA VAL B 248 -0.03 -22.69 12.81
C VAL B 248 0.90 -21.52 13.12
N ILE B 249 0.94 -20.53 12.22
CA ILE B 249 1.74 -19.31 12.39
C ILE B 249 0.75 -18.17 12.43
N PRO B 250 0.34 -17.75 13.64
CA PRO B 250 -0.67 -16.71 13.76
C PRO B 250 -0.08 -15.33 13.98
N HIS B 251 -0.91 -14.32 13.71
CA HIS B 251 -0.65 -12.97 14.18
C HIS B 251 -0.53 -12.98 15.71
N GLN B 252 0.44 -12.25 16.22
CA GLN B 252 0.81 -12.23 17.64
C GLN B 252 0.26 -10.97 18.32
N ALA B 253 -1.05 -10.89 18.44
CA ALA B 253 -1.71 -9.75 19.09
C ALA B 253 -2.17 -10.05 20.50
N ASN B 254 -2.63 -11.28 20.71
CA ASN B 254 -3.22 -11.66 21.97
C ASN B 254 -3.23 -13.20 22.00
N ILE B 255 -2.70 -13.77 23.08
N ILE B 255 -2.72 -13.77 23.10
CA ILE B 255 -2.59 -15.23 23.20
CA ILE B 255 -2.62 -15.22 23.23
C ILE B 255 -3.95 -15.96 23.32
C ILE B 255 -3.99 -15.92 23.26
N ARG B 256 -4.95 -15.32 23.95
CA ARG B 256 -6.30 -15.91 24.07
C ARG B 256 -7.01 -15.96 22.70
N ILE B 257 -6.74 -14.98 21.83
CA ILE B 257 -7.24 -15.02 20.45
C ILE B 257 -6.70 -16.24 19.70
N ILE B 258 -5.39 -16.46 19.80
CA ILE B 258 -4.72 -17.61 19.17
C ILE B 258 -5.34 -18.92 19.71
N GLN B 259 -5.48 -18.99 21.03
CA GLN B 259 -6.04 -20.17 21.68
C GLN B 259 -7.47 -20.47 21.26
N THR B 260 -8.28 -19.41 21.19
CA THR B 260 -9.69 -19.55 20.80
C THR B 260 -9.83 -19.97 19.33
N LEU B 261 -9.03 -19.36 18.46
CA LEU B 261 -8.95 -19.77 17.05
C LEU B 261 -8.70 -21.29 16.90
N CYS B 262 -7.67 -21.78 17.57
CA CYS B 262 -7.32 -23.20 17.51
C CYS B 262 -8.40 -24.11 18.09
N ASP B 263 -8.96 -23.70 19.22
CA ASP B 263 -10.00 -24.46 19.92
C ASP B 263 -11.26 -24.61 19.06
N LEU B 264 -11.76 -23.49 18.54
CA LEU B 264 -12.95 -23.51 17.68
C LEU B 264 -12.72 -24.26 16.36
N ALA B 265 -11.50 -24.25 15.85
CA ALA B 265 -11.13 -25.04 14.68
C ALA B 265 -10.85 -26.52 14.97
N GLY B 266 -10.64 -26.86 16.25
CA GLY B 266 -10.22 -28.22 16.65
C GLY B 266 -8.78 -28.52 16.31
N ILE B 267 -7.95 -27.48 16.23
CA ILE B 267 -6.50 -27.62 16.01
C ILE B 267 -5.81 -27.70 17.37
N ALA B 268 -4.87 -28.62 17.50
CA ALA B 268 -4.14 -28.81 18.75
C ALA B 268 -3.41 -27.52 19.13
N GLN B 269 -3.55 -27.12 20.40
CA GLN B 269 -2.95 -25.87 20.91
C GLN B 269 -1.44 -25.81 20.73
N ASP B 270 -0.75 -26.94 20.93
CA ASP B 270 0.72 -26.96 20.82
C ASP B 270 1.28 -26.77 19.39
N LYS B 271 0.41 -26.79 18.37
CA LYS B 271 0.85 -26.54 16.99
C LYS B 271 1.01 -25.06 16.63
N ALA B 272 0.44 -24.17 17.45
CA ALA B 272 0.54 -22.73 17.23
C ALA B 272 1.88 -22.18 17.73
N PHE B 273 2.66 -21.55 16.85
CA PHE B 273 3.90 -20.91 17.25
C PHE B 273 3.63 -19.54 17.90
N VAL B 274 4.19 -19.32 19.09
CA VAL B 274 3.95 -18.09 19.86
C VAL B 274 5.28 -17.46 20.25
N ASN B 275 5.50 -16.20 19.86
CA ASN B 275 6.66 -15.44 20.36
C ASN B 275 6.30 -14.03 20.87
N ILE B 276 5.02 -13.83 21.17
CA ILE B 276 4.52 -12.56 21.69
C ILE B 276 5.22 -12.14 23.00
N HIS B 277 5.62 -13.11 23.82
CA HIS B 277 6.35 -12.82 25.09
C HIS B 277 7.64 -12.01 24.90
N ARG B 278 8.30 -12.22 23.76
CA ARG B 278 9.58 -11.56 23.45
C ARG B 278 9.43 -10.19 22.80
N TYR B 279 8.45 -10.07 21.90
CA TYR B 279 8.36 -8.90 21.01
C TYR B 279 7.04 -8.12 21.06
N GLY B 280 6.03 -8.63 21.76
CA GLY B 280 4.71 -8.01 21.72
C GLY B 280 4.15 -8.01 20.29
N ASN B 281 3.19 -7.13 20.04
CA ASN B 281 2.52 -7.02 18.72
C ASN B 281 3.33 -6.08 17.84
N THR B 282 3.97 -6.64 16.81
CA THR B 282 4.70 -5.89 15.78
C THR B 282 3.92 -5.74 14.44
N SER B 283 2.59 -5.71 14.53
CA SER B 283 1.67 -5.59 13.39
C SER B 283 2.07 -6.48 12.19
N ALA B 284 2.39 -5.91 11.02
CA ALA B 284 2.66 -6.70 9.81
C ALA B 284 3.92 -7.57 9.92
N ALA B 285 4.83 -7.23 10.83
CA ALA B 285 6.02 -8.04 11.06
C ALA B 285 5.78 -9.35 11.81
N THR B 286 4.63 -9.50 12.48
CA THR B 286 4.43 -10.65 13.40
C THR B 286 4.55 -12.01 12.73
N VAL B 287 3.82 -12.19 11.63
CA VAL B 287 3.85 -13.47 10.91
C VAL B 287 5.23 -13.82 10.33
N PRO B 288 5.87 -12.90 9.59
CA PRO B 288 7.20 -13.27 9.07
C PRO B 288 8.29 -13.46 10.13
N ILE B 289 8.25 -12.70 11.22
CA ILE B 289 9.18 -12.94 12.34
C ILE B 289 8.92 -14.33 12.93
N ALA B 290 7.65 -14.66 13.13
CA ALA B 290 7.26 -15.96 13.70
C ALA B 290 7.68 -17.12 12.79
N LEU B 291 7.44 -16.96 11.49
CA LEU B 291 7.84 -17.97 10.50
C LEU B 291 9.34 -18.21 10.54
N CYS B 292 10.10 -17.11 10.51
CA CYS B 292 11.56 -17.15 10.59
C CYS B 292 12.02 -17.87 11.87
N GLU B 293 11.44 -17.52 13.00
CA GLU B 293 11.80 -18.17 14.27
C GLU B 293 11.36 -19.63 14.40
N ALA B 294 10.19 -19.95 13.83
CA ALA B 294 9.74 -21.33 13.77
C ALA B 294 10.72 -22.21 12.99
N LEU B 295 11.20 -21.71 11.86
CA LEU B 295 12.22 -22.40 11.07
C LEU B 295 13.56 -22.53 11.81
N GLU B 296 14.03 -21.45 12.43
CA GLU B 296 15.27 -21.43 13.23
C GLU B 296 15.23 -22.44 14.41
N GLN B 297 14.08 -22.54 15.05
CA GLN B 297 13.86 -23.42 16.21
C GLN B 297 13.44 -24.84 15.87
N GLY B 298 13.42 -25.20 14.59
CA GLY B 298 13.12 -26.58 14.20
C GLY B 298 11.66 -27.00 14.28
N LYS B 299 10.74 -26.04 14.26
CA LYS B 299 9.31 -26.34 14.37
C LYS B 299 8.69 -26.77 13.04
N ILE B 300 9.31 -26.41 11.91
CA ILE B 300 8.78 -26.72 10.59
C ILE B 300 9.69 -27.74 9.93
N LYS B 301 9.10 -28.84 9.48
CA LYS B 301 9.82 -29.90 8.79
C LYS B 301 9.58 -29.75 7.30
N PRO B 302 10.48 -30.33 6.47
CA PRO B 302 10.20 -30.42 5.04
C PRO B 302 8.85 -31.07 4.75
N HIS B 303 8.14 -30.54 3.76
CA HIS B 303 6.81 -31.02 3.33
C HIS B 303 5.67 -30.80 4.34
N ASP B 304 5.87 -29.97 5.37
CA ASP B 304 4.81 -29.68 6.35
C ASP B 304 3.71 -28.81 5.73
N ASP B 305 2.50 -29.03 6.23
CA ASP B 305 1.36 -28.16 5.95
C ASP B 305 1.22 -27.13 7.09
N LEU B 306 1.37 -25.87 6.70
CA LEU B 306 1.29 -24.74 7.62
C LEU B 306 -0.04 -23.99 7.37
N LEU B 307 -0.64 -23.50 8.46
CA LEU B 307 -1.75 -22.58 8.40
C LEU B 307 -1.24 -21.25 8.96
N VAL B 308 -1.37 -20.20 8.16
CA VAL B 308 -1.11 -18.85 8.57
C VAL B 308 -2.46 -18.16 8.75
N ALA B 309 -2.60 -17.34 9.79
CA ALA B 309 -3.83 -16.59 10.02
C ALA B 309 -3.51 -15.25 10.67
N ALA B 310 -4.21 -14.19 10.25
CA ALA B 310 -3.96 -12.87 10.80
C ALA B 310 -5.19 -11.99 10.72
N PHE B 311 -5.15 -10.89 11.48
CA PHE B 311 -6.17 -9.86 11.45
C PHE B 311 -5.52 -8.53 11.81
N GLY B 312 -6.22 -7.44 11.54
CA GLY B 312 -5.71 -6.11 11.90
C GLY B 312 -6.76 -5.04 11.73
N ALA B 313 -6.39 -3.80 12.04
CA ALA B 313 -7.30 -2.67 11.87
C ALA B 313 -7.89 -2.69 10.46
N GLY B 314 -9.18 -2.36 10.35
CA GLY B 314 -9.91 -2.47 9.09
C GLY B 314 -11.41 -2.79 9.22
N LEU B 315 -11.78 -3.89 9.88
CA LEU B 315 -10.90 -4.92 10.41
C LEU B 315 -10.48 -5.94 9.34
N THR B 316 -9.23 -5.89 8.91
CA THR B 316 -8.73 -6.83 7.91
C THR B 316 -8.53 -8.20 8.55
N TRP B 317 -8.64 -9.23 7.73
CA TRP B 317 -8.44 -10.60 8.17
C TRP B 317 -7.98 -11.49 7.03
N GLY B 318 -7.41 -12.62 7.40
CA GLY B 318 -6.90 -13.55 6.42
C GLY B 318 -6.41 -14.87 6.97
N ALA B 319 -6.37 -15.86 6.08
CA ALA B 319 -5.72 -17.14 6.35
C ALA B 319 -5.10 -17.69 5.05
N GLY B 320 -4.08 -18.51 5.22
CA GLY B 320 -3.38 -19.11 4.12
C GLY B 320 -2.87 -20.49 4.48
N HIS B 321 -2.86 -21.36 3.48
CA HIS B 321 -2.26 -22.69 3.60
C HIS B 321 -0.95 -22.68 2.81
N ILE B 322 0.15 -22.88 3.52
CA ILE B 322 1.47 -23.02 2.90
C ILE B 322 1.89 -24.48 2.98
N ARG B 323 2.29 -25.04 1.84
CA ARG B 323 2.92 -26.34 1.79
C ARG B 323 4.43 -26.09 1.70
N TRP B 324 5.18 -26.54 2.71
CA TRP B 324 6.62 -26.34 2.71
C TRP B 324 7.30 -27.28 1.71
N GLY B 325 8.40 -26.81 1.14
CA GLY B 325 9.20 -27.62 0.24
C GLY B 325 10.27 -28.42 0.98
N GLU B 326 11.40 -28.60 0.32
CA GLU B 326 12.45 -29.52 0.77
C GLU B 326 13.33 -28.93 1.87
N ARG B 327 13.65 -27.64 1.76
CA ARG B 327 14.72 -27.05 2.54
C ARG B 327 14.19 -26.17 3.68
N ILE B 328 14.69 -26.42 4.89
CA ILE B 328 14.37 -25.64 6.09
C ILE B 328 15.61 -24.96 6.71
N THR B 329 16.71 -24.94 5.98
CA THR B 329 17.96 -24.39 6.45
C THR B 329 18.44 -23.30 5.46
N PRO B 330 19.03 -22.21 5.97
CA PRO B 330 19.53 -21.18 5.04
C PRO B 330 20.69 -21.67 4.17
N LEU B 331 20.74 -21.18 2.94
CA LEU B 331 21.91 -21.47 2.09
C LEU B 331 23.11 -20.66 2.55
N GLY B 332 22.88 -19.42 2.94
CA GLY B 332 23.93 -18.56 3.49
C GLY B 332 23.47 -17.72 4.65
N LYS B 333 24.43 -17.13 5.34
CA LYS B 333 24.20 -16.19 6.43
C LYS B 333 24.60 -14.80 5.98
N SER B 334 23.93 -13.80 6.53
CA SER B 334 24.24 -12.40 6.26
C SER B 334 24.90 -11.81 7.50
N ASP B 335 25.93 -11.02 7.26
CA ASP B 335 26.55 -10.17 8.30
C ASP B 335 25.77 -8.88 8.58
N ALA B 336 24.74 -8.58 7.79
CA ALA B 336 23.98 -7.34 7.90
C ALA B 336 23.42 -7.12 9.30
N GLN B 337 23.67 -5.91 9.81
CA GLN B 337 23.16 -5.48 11.10
C GLN B 337 22.77 -4.02 11.02
N LEU B 338 21.90 -3.63 11.93
CA LEU B 338 21.56 -2.22 12.14
C LEU B 338 22.78 -1.49 12.68
N PRO B 339 22.83 -0.17 12.48
CA PRO B 339 23.90 0.61 13.15
C PRO B 339 23.76 0.50 14.67
N SER B 340 24.87 0.73 15.38
CA SER B 340 24.88 0.51 16.82
C SER B 340 23.85 1.42 17.51
N CYS B 341 23.20 0.86 18.53
CA CYS B 341 22.20 1.58 19.29
C CYS B 341 22.88 2.12 20.53
N ASP B 342 22.99 3.44 20.60
CA ASP B 342 23.71 4.11 21.68
C ASP B 342 22.82 4.48 22.88
N HIS B 343 21.57 4.00 22.86
CA HIS B 343 20.56 4.41 23.82
C HIS B 343 19.80 3.20 24.38
N THR B 344 19.37 3.30 25.63
CA THR B 344 18.41 2.35 26.20
C THR B 344 17.03 2.64 25.60
N ALA B 345 16.10 1.70 25.77
CA ALA B 345 14.71 1.91 25.30
C ALA B 345 14.05 3.11 25.99
N LEU B 346 14.27 3.25 27.30
CA LEU B 346 13.76 4.42 28.04
C LEU B 346 14.37 5.74 27.56
N ASP B 347 15.65 5.71 27.20
CA ASP B 347 16.35 6.87 26.64
C ASP B 347 15.75 7.25 25.29
N LEU B 348 15.55 6.26 24.42
CA LEU B 348 14.87 6.47 23.13
C LEU B 348 13.48 7.08 23.29
N LEU B 349 12.72 6.58 24.27
CA LEU B 349 11.36 7.05 24.53
C LEU B 349 11.25 8.30 25.42
N SER B 350 12.38 8.78 25.95
CA SER B 350 12.44 9.87 26.93
C SER B 350 11.68 11.15 26.53
N LYS B 351 11.98 11.65 25.33
CA LYS B 351 11.32 12.84 24.80
C LYS B 351 9.80 12.65 24.68
N ALA B 352 9.39 11.54 24.07
CA ALA B 352 7.98 11.23 23.84
C ALA B 352 7.18 11.04 25.15
N ILE B 353 7.80 10.37 26.14
CA ILE B 353 7.21 10.19 27.47
C ILE B 353 6.99 11.54 28.16
N GLU B 354 8.03 12.38 28.19
CA GLU B 354 7.94 13.71 28.78
C GLU B 354 6.86 14.59 28.12
N HIS B 355 6.82 14.60 26.79
CA HIS B 355 5.80 15.36 26.06
C HIS B 355 4.37 14.92 26.38
N CYS B 356 4.14 13.61 26.35
CA CYS B 356 2.80 13.06 26.64
C CYS B 356 2.36 13.39 28.06
N LYS B 357 3.28 13.24 29.02
CA LYS B 357 3.03 13.63 30.44
C LYS B 357 2.71 15.13 30.64
N ARG B 358 3.49 15.99 29.99
CA ARG B 358 3.27 17.45 30.06
C ARG B 358 1.90 17.83 29.50
N HIS B 359 1.53 17.26 28.34
CA HIS B 359 0.25 17.54 27.71
C HIS B 359 -0.88 16.85 28.49
N1A COA C . -1.68 -2.60 34.42
C2A COA C . -2.56 -3.02 35.36
N3A COA C . -3.86 -3.30 35.09
C4A COA C . -4.36 -3.17 33.83
C5A COA C . -3.46 -2.71 32.76
C6A COA C . -2.04 -2.43 33.13
N6A COA C . -1.18 -2.00 32.17
N7A COA C . -4.19 -2.66 31.63
C8A COA C . -5.45 -3.05 31.94
N9A COA C . -5.56 -3.35 33.26
C1B COA C . -6.76 -3.82 34.00
C2B COA C . -8.09 -3.25 33.50
O2B COA C . -8.53 -2.17 34.32
C3B COA C . -9.06 -4.43 33.48
O3B COA C . -10.08 -4.28 34.48
P3B COA C . -11.52 -3.72 34.04
O7A COA C . -12.22 -3.45 35.35
O8A COA C . -12.11 -4.85 33.23
O9A COA C . -11.21 -2.48 33.25
C4B COA C . -8.23 -5.68 33.74
O4B COA C . -6.88 -5.25 33.94
C5B COA C . -8.28 -6.66 32.58
O5B COA C . -7.97 -6.00 31.36
P1A COA C . -8.20 -6.66 29.91
O1A COA C . -8.36 -5.54 28.91
O2A COA C . -9.26 -7.74 30.02
O3A COA C . -6.76 -7.35 29.66
P2A COA C . -6.37 -8.00 28.24
O4A COA C . -5.09 -8.77 28.41
O5A COA C . -6.47 -6.94 27.17
O6A COA C . -7.58 -9.04 28.01
CBP COA C . -8.59 -11.01 26.89
CCP COA C . -7.35 -10.16 27.14
CDP COA C . -8.03 -12.38 26.54
CEP COA C . -9.44 -11.16 28.14
CAP COA C . -9.43 -10.59 25.67
OAP COA C . -10.76 -11.14 25.73
C9P COA C . -9.54 -9.09 25.50
O9P COA C . -10.41 -8.47 26.09
N8P COA C . -8.65 -8.55 24.68
C7P COA C . -8.65 -7.13 24.37
C6P COA C . -7.80 -6.72 23.17
C5P COA C . -7.83 -7.70 22.00
O5P COA C . -8.56 -8.68 22.07
N4P COA C . -7.06 -7.49 20.92
C3P COA C . -6.18 -6.33 20.73
C2P COA C . -5.23 -6.49 19.54
S1P COA C . -5.00 -4.92 18.67
C1 OCA D . -2.73 -4.48 14.45
C2 OCA D . -2.00 -3.32 15.08
C3 OCA D . -2.39 -1.96 14.52
C4 OCA D . -2.30 -0.86 15.57
C5 OCA D . -0.85 -0.46 15.87
C6 OCA D . -0.70 0.33 17.17
C7 OCA D . -0.78 1.83 16.95
C8 OCA D . -1.40 2.53 18.15
O1 OCA D . -2.89 -5.51 15.15
O2 OCA D . -3.13 -4.38 13.28
#